data_9CIA
#
_entry.id   9CIA
#
_cell.length_a   1.00
_cell.length_b   1.00
_cell.length_c   1.00
_cell.angle_alpha   90.00
_cell.angle_beta   90.00
_cell.angle_gamma   90.00
#
_symmetry.space_group_name_H-M   'P 1'
#
loop_
_entity.id
_entity.type
_entity.pdbx_description
1 polymer 'UCHT1 Fab 2'
2 polymer 'UCHT1 Fab chain'
3 polymer 'T-cell surface glycoprotein CD3 zeta chain'
4 polymer 'T-cell surface glycoprotein CD3 epsilon chain'
5 polymer 'T cell receptor delta constant'
6 polymer 'T cell receptor gamma constant 1'
7 polymer 'T-cell surface glycoprotein CD3 delta chain'
8 polymer 'T-cell surface glycoprotein CD3 gamma chain'
9 non-polymer CHOLESTEROL
#
loop_
_entity_poly.entity_id
_entity_poly.type
_entity_poly.pdbx_seq_one_letter_code
_entity_poly.pdbx_strand_id
1 'polypeptide(L)'
;MDIQMTQTTSSLSASLGDRVTISCRASQDIRNYLNWYQQKPDGTVKLLIYYTSRLHSGVPSKFSGSGSGTDYSLTISNLE
QEDIATYFCQQGNTLPWTFAGGTKLEI
;
A,C
2 'polypeptide(L)'
;EVQLQQSGPELVKPGASMKISCKASGYSFTGYTMNWVKQSHGKNLEWMGLINPYKGVSTYNQKFKDKATLTVDKSSSTAY
MELLSLTSEDSAVYYCARSGYYGDSDWYFDVWGQGTTLTV
;
B,D
3 'polypeptide(L)' LDPKLCYLLDGILFIYGVILTALFLRVKF a,b
4 'polypeptide(L)'
;QTPYKVSISGTTVILTCPQYPGSEILWQHNDKNIGGDEDDKNIGSDEDHLSLKEFSELEQSGYYVCYPRGSKPEDANFYL
YLRARVCENCMEMDVMSVATIVIVDICITGGLLLLVYYWSKNR
;
e,f
5 'polypeptide(L)' HTEKVNMMSLTVLGLRMLFAKTVAVNFLLTAKLFF m
6 'polypeptide(L)' TLLLQLTNTSAYYMYLLLLLKSVVYFAIITCCLLRR n
7 'polypeptide(L)'
;FKIPIEELEDRVFVNCNTSITWVEGTVGTLLSDITRLDLGKRILDPRGIYRCNGTDIYKDKESTVQVHYRMCQSCVELDP
ATVAGIIVTDVIATLLLALGVFCFAG
;
d
8 'polypeptide(L)'
;IKGNHLVKVYDYQEDGSVLLTCDAEAKNITWFKDGKMIGFLTEDKKKWNLGSNAKDPRGMYQCKGSQNKSKPLQVYYRMC
QNCIELNAATISGFLFAEIVSIFVLAVGVYFIAG
;
g
#
loop_
_chem_comp.id
_chem_comp.type
_chem_comp.name
_chem_comp.formula
CLR non-polymer CHOLESTEROL 'C27 H46 O'
#
# COMPACT_ATOMS: atom_id res chain seq x y z
N ASP A 2 -11.94 -46.13 11.46
CA ASP A 2 -12.41 -47.38 10.86
C ASP A 2 -13.70 -47.85 11.52
N ILE A 3 -14.77 -47.11 11.29
CA ILE A 3 -16.10 -47.44 11.81
C ILE A 3 -16.79 -48.34 10.79
N GLN A 4 -17.27 -49.50 11.25
CA GLN A 4 -17.94 -50.44 10.36
C GLN A 4 -19.26 -49.86 9.87
N MET A 5 -19.51 -50.01 8.57
CA MET A 5 -20.67 -49.40 7.91
C MET A 5 -21.47 -50.51 7.24
N THR A 6 -22.49 -51.01 7.95
CA THR A 6 -23.36 -52.05 7.43
C THR A 6 -24.77 -51.50 7.26
N GLN A 7 -25.41 -51.87 6.15
CA GLN A 7 -26.78 -51.47 5.89
C GLN A 7 -27.72 -52.47 6.56
N THR A 8 -28.84 -51.95 7.10
CA THR A 8 -29.84 -52.82 7.70
C THR A 8 -30.52 -53.69 6.64
N THR A 9 -30.80 -53.11 5.47
CA THR A 9 -31.38 -53.85 4.35
C THR A 9 -30.24 -54.27 3.42
N SER A 10 -29.84 -55.53 3.52
CA SER A 10 -28.75 -56.03 2.68
C SER A 10 -29.19 -56.17 1.23
N SER A 11 -30.39 -56.69 1.00
CA SER A 11 -30.93 -56.84 -0.34
C SER A 11 -32.45 -56.71 -0.27
N LEU A 12 -33.02 -55.97 -1.22
CA LEU A 12 -34.46 -55.76 -1.26
C LEU A 12 -34.94 -55.78 -2.70
N SER A 13 -36.24 -55.99 -2.87
CA SER A 13 -36.87 -55.96 -4.19
C SER A 13 -37.61 -54.64 -4.35
N ALA A 14 -37.29 -53.92 -5.41
CA ALA A 14 -37.90 -52.63 -5.70
C ALA A 14 -38.54 -52.67 -7.08
N SER A 15 -39.80 -52.27 -7.16
CA SER A 15 -40.51 -52.25 -8.42
C SER A 15 -40.11 -51.02 -9.25
N LEU A 16 -40.37 -51.10 -10.55
CA LEU A 16 -40.07 -49.98 -11.44
C LEU A 16 -41.05 -48.84 -11.19
N GLY A 17 -40.53 -47.61 -11.21
CA GLY A 17 -41.37 -46.45 -10.96
C GLY A 17 -41.81 -46.29 -9.53
N ASP A 18 -41.08 -46.87 -8.57
CA ASP A 18 -41.41 -46.80 -7.16
C ASP A 18 -40.47 -45.83 -6.45
N ARG A 19 -40.87 -45.41 -5.26
CA ARG A 19 -40.06 -44.55 -4.40
C ARG A 19 -39.59 -45.39 -3.22
N VAL A 20 -38.34 -45.85 -3.28
CA VAL A 20 -37.79 -46.78 -2.31
C VAL A 20 -36.59 -46.14 -1.64
N THR A 21 -36.57 -46.15 -0.31
CA THR A 21 -35.46 -45.62 0.46
C THR A 21 -34.41 -46.71 0.70
N ILE A 22 -33.15 -46.27 0.78
CA ILE A 22 -32.02 -47.16 1.03
C ILE A 22 -31.49 -46.83 2.42
N SER A 23 -31.73 -47.72 3.38
CA SER A 23 -31.38 -47.48 4.77
C SER A 23 -29.89 -47.76 4.97
N CYS A 24 -29.18 -46.79 5.54
CA CYS A 24 -27.77 -46.92 5.87
C CYS A 24 -27.57 -46.61 7.35
N ARG A 25 -26.73 -47.41 8.01
CA ARG A 25 -26.48 -47.26 9.43
C ARG A 25 -24.99 -47.34 9.71
N ALA A 26 -24.59 -46.74 10.83
CA ALA A 26 -23.19 -46.74 11.25
C ALA A 26 -23.12 -47.19 12.71
N SER A 27 -21.93 -47.67 13.09
CA SER A 27 -21.72 -48.11 14.47
C SER A 27 -21.77 -46.95 15.44
N GLN A 28 -21.23 -45.79 15.03
CA GLN A 28 -21.22 -44.61 15.86
C GLN A 28 -21.74 -43.42 15.05
N ASP A 29 -22.04 -42.33 15.75
CA ASP A 29 -22.46 -41.11 15.09
C ASP A 29 -21.30 -40.50 14.32
N ILE A 30 -21.55 -40.14 13.07
CA ILE A 30 -20.49 -39.68 12.18
C ILE A 30 -20.63 -38.20 11.86
N ARG A 31 -21.48 -37.48 12.63
CA ARG A 31 -21.70 -36.03 12.50
C ARG A 31 -22.15 -35.65 11.10
N ASN A 32 -23.03 -36.48 10.52
CA ASN A 32 -23.65 -36.27 9.21
C ASN A 32 -22.61 -36.17 8.09
N TYR A 33 -21.50 -36.88 8.25
CA TYR A 33 -20.42 -36.87 7.25
C TYR A 33 -20.50 -38.13 6.40
N LEU A 34 -21.44 -38.14 5.47
CA LEU A 34 -21.65 -39.29 4.60
C LEU A 34 -21.99 -38.85 3.19
N ASN A 35 -21.56 -39.67 2.23
CA ASN A 35 -21.85 -39.46 0.82
C ASN A 35 -22.44 -40.73 0.24
N TRP A 36 -23.27 -40.58 -0.79
CA TRP A 36 -23.86 -41.69 -1.51
C TRP A 36 -23.27 -41.76 -2.92
N TYR A 37 -23.04 -42.97 -3.40
CA TYR A 37 -22.36 -43.18 -4.68
C TYR A 37 -23.17 -44.10 -5.58
N GLN A 38 -23.28 -43.70 -6.85
CA GLN A 38 -24.02 -44.46 -7.85
C GLN A 38 -23.03 -45.29 -8.65
N GLN A 39 -23.11 -46.59 -8.51
CA GLN A 39 -22.26 -47.51 -9.28
C GLN A 39 -23.12 -48.27 -10.27
N LYS A 40 -22.98 -47.93 -11.55
CA LYS A 40 -23.61 -48.71 -12.60
C LYS A 40 -22.94 -50.08 -12.67
N PRO A 41 -23.71 -51.16 -12.86
CA PRO A 41 -23.10 -52.51 -12.80
C PRO A 41 -22.07 -52.82 -13.89
N ASP A 42 -21.97 -52.01 -14.94
CA ASP A 42 -20.90 -52.24 -15.92
C ASP A 42 -19.53 -51.88 -15.36
N GLY A 43 -19.46 -51.04 -14.33
CA GLY A 43 -18.20 -50.68 -13.72
C GLY A 43 -18.06 -49.20 -13.41
N THR A 44 -18.68 -48.37 -14.23
CA THR A 44 -18.54 -46.92 -14.06
C THR A 44 -19.34 -46.44 -12.84
N VAL A 45 -18.68 -45.62 -12.02
CA VAL A 45 -19.23 -45.15 -10.76
C VAL A 45 -19.04 -43.63 -10.66
N LYS A 46 -20.03 -42.94 -10.11
CA LYS A 46 -20.00 -41.49 -10.01
C LYS A 46 -20.56 -41.04 -8.67
N LEU A 47 -20.22 -39.81 -8.28
CA LEU A 47 -20.68 -39.24 -7.02
C LEU A 47 -22.14 -38.82 -7.15
N LEU A 48 -23.00 -39.37 -6.30
CA LEU A 48 -24.41 -38.98 -6.32
C LEU A 48 -24.66 -37.74 -5.47
N ILE A 49 -24.47 -37.85 -4.15
CA ILE A 49 -24.62 -36.72 -3.22
C ILE A 49 -23.48 -36.78 -2.20
N TYR A 50 -23.24 -35.64 -1.55
CA TYR A 50 -22.22 -35.56 -0.51
C TYR A 50 -22.77 -34.76 0.67
N TYR A 51 -22.24 -35.07 1.86
CA TYR A 51 -22.67 -34.52 3.15
C TYR A 51 -24.15 -34.75 3.44
N THR A 52 -24.74 -35.80 2.83
CA THR A 52 -26.04 -36.40 3.12
C THR A 52 -27.19 -35.46 2.72
N SER A 53 -26.88 -34.23 2.30
CA SER A 53 -27.94 -33.28 1.99
C SER A 53 -27.68 -32.55 0.68
N ARG A 54 -26.41 -32.31 0.35
CA ARG A 54 -26.07 -31.50 -0.80
C ARG A 54 -26.25 -32.30 -2.09
N LEU A 55 -26.06 -31.63 -3.21
CA LEU A 55 -26.22 -32.23 -4.53
C LEU A 55 -25.04 -31.88 -5.41
N HIS A 56 -24.46 -32.88 -6.06
CA HIS A 56 -23.35 -32.67 -6.96
C HIS A 56 -23.82 -32.02 -8.26
N SER A 57 -22.89 -31.35 -8.93
CA SER A 57 -23.19 -30.78 -10.24
C SER A 57 -23.32 -31.90 -11.27
N GLY A 58 -24.40 -31.85 -12.05
CA GLY A 58 -24.71 -32.89 -13.01
C GLY A 58 -25.54 -34.03 -12.47
N VAL A 59 -25.65 -34.16 -11.16
CA VAL A 59 -26.49 -35.20 -10.56
C VAL A 59 -27.96 -34.80 -10.73
N PRO A 60 -28.85 -35.72 -11.08
CA PRO A 60 -30.27 -35.39 -11.21
C PRO A 60 -30.89 -35.05 -9.85
N SER A 61 -31.97 -34.26 -9.90
CA SER A 61 -32.63 -33.79 -8.68
C SER A 61 -33.44 -34.88 -7.98
N LYS A 62 -33.63 -36.05 -8.60
CA LYS A 62 -34.39 -37.11 -7.97
C LYS A 62 -33.65 -37.79 -6.83
N PHE A 63 -32.35 -37.53 -6.65
CA PHE A 63 -31.57 -38.13 -5.59
C PHE A 63 -31.35 -37.11 -4.48
N SER A 64 -31.74 -37.47 -3.26
CA SER A 64 -31.49 -36.64 -2.09
C SER A 64 -31.47 -37.54 -0.87
N GLY A 65 -30.67 -37.16 0.12
CA GLY A 65 -30.54 -37.93 1.35
C GLY A 65 -31.15 -37.24 2.55
N SER A 66 -31.27 -37.98 3.63
CA SER A 66 -31.84 -37.45 4.87
C SER A 66 -31.29 -38.27 6.04
N GLY A 67 -31.65 -37.84 7.24
CA GLY A 67 -31.27 -38.52 8.45
C GLY A 67 -30.19 -37.79 9.21
N SER A 68 -30.20 -37.93 10.53
CA SER A 68 -29.19 -37.35 11.40
C SER A 68 -28.73 -38.39 12.40
N GLY A 69 -27.42 -38.48 12.58
CA GLY A 69 -26.84 -39.38 13.57
C GLY A 69 -26.35 -40.69 12.94
N THR A 70 -27.15 -41.75 13.07
CA THR A 70 -26.78 -43.08 12.61
C THR A 70 -27.62 -43.57 11.44
N ASP A 71 -28.95 -43.46 11.53
CA ASP A 71 -29.84 -43.98 10.51
C ASP A 71 -29.95 -42.95 9.39
N TYR A 72 -29.40 -43.30 8.22
CA TYR A 72 -29.41 -42.43 7.05
C TYR A 72 -30.13 -43.14 5.90
N SER A 73 -30.79 -42.34 5.07
CA SER A 73 -31.59 -42.87 3.97
C SER A 73 -31.40 -42.02 2.73
N LEU A 74 -31.62 -42.63 1.57
CA LEU A 74 -31.61 -41.93 0.29
C LEU A 74 -33.03 -41.91 -0.25
N THR A 75 -33.44 -40.77 -0.80
CA THR A 75 -34.72 -40.65 -1.46
C THR A 75 -34.51 -40.63 -2.97
N ILE A 76 -35.08 -41.62 -3.66
CA ILE A 76 -34.99 -41.74 -5.11
C ILE A 76 -36.40 -41.89 -5.67
N SER A 77 -36.79 -40.97 -6.54
CA SER A 77 -38.12 -40.95 -7.12
C SER A 77 -38.04 -41.20 -8.62
N ASN A 78 -39.03 -41.92 -9.14
CA ASN A 78 -39.19 -42.22 -10.58
C ASN A 78 -37.96 -42.95 -11.13
N LEU A 79 -37.78 -44.20 -10.67
CA LEU A 79 -36.66 -45.01 -11.10
C LEU A 79 -36.79 -45.36 -12.58
N GLU A 80 -35.72 -45.14 -13.33
CA GLU A 80 -35.65 -45.45 -14.75
C GLU A 80 -34.75 -46.66 -14.97
N GLN A 81 -34.54 -47.01 -16.25
CA GLN A 81 -33.65 -48.11 -16.58
C GLN A 81 -32.20 -47.77 -16.28
N GLU A 82 -31.82 -46.50 -16.46
CA GLU A 82 -30.48 -46.06 -16.09
C GLU A 82 -30.33 -45.99 -14.58
N ASP A 83 -31.43 -45.85 -13.85
CA ASP A 83 -31.38 -45.76 -12.39
C ASP A 83 -31.21 -47.15 -11.77
N ILE A 84 -31.44 -48.21 -12.53
CA ILE A 84 -31.26 -49.57 -12.03
C ILE A 84 -29.76 -49.84 -11.87
N ALA A 85 -29.30 -49.84 -10.62
CA ALA A 85 -27.88 -49.98 -10.29
C ALA A 85 -27.79 -50.28 -8.80
N THR A 86 -26.59 -50.24 -8.25
CA THR A 86 -26.37 -50.36 -6.82
C THR A 86 -25.85 -49.05 -6.26
N TYR A 87 -26.12 -48.82 -4.97
CA TYR A 87 -25.80 -47.55 -4.33
C TYR A 87 -25.07 -47.77 -3.03
N PHE A 88 -24.05 -46.95 -2.79
CA PHE A 88 -23.15 -47.11 -1.66
C PHE A 88 -23.15 -45.86 -0.80
N CYS A 89 -23.47 -46.02 0.48
CA CYS A 89 -23.28 -44.96 1.45
C CYS A 89 -21.84 -45.03 1.97
N GLN A 90 -21.13 -43.91 1.90
CA GLN A 90 -19.71 -43.86 2.23
C GLN A 90 -19.51 -42.94 3.43
N GLN A 91 -19.03 -43.50 4.54
CA GLN A 91 -18.72 -42.69 5.70
C GLN A 91 -17.49 -41.83 5.44
N GLY A 92 -17.64 -40.52 5.63
CA GLY A 92 -16.55 -39.60 5.38
C GLY A 92 -16.13 -38.88 6.64
N ASN A 93 -16.21 -39.56 7.78
CA ASN A 93 -15.93 -38.94 9.07
C ASN A 93 -14.48 -39.15 9.51
N THR A 94 -14.07 -40.40 9.67
CA THR A 94 -12.75 -40.74 10.18
C THR A 94 -11.97 -41.54 9.16
N LEU A 95 -10.65 -41.46 9.25
CA LEU A 95 -9.80 -42.33 8.44
C LEU A 95 -9.87 -43.76 8.95
N PRO A 96 -10.01 -44.75 8.06
CA PRO A 96 -10.24 -44.65 6.61
C PRO A 96 -11.72 -44.51 6.29
N TRP A 97 -12.07 -44.04 5.09
CA TRP A 97 -13.47 -43.95 4.70
C TRP A 97 -14.00 -45.34 4.40
N THR A 98 -14.90 -45.83 5.24
CA THR A 98 -15.42 -47.18 5.12
C THR A 98 -16.75 -47.15 4.38
N PHE A 99 -16.83 -47.90 3.29
CA PHE A 99 -18.03 -47.97 2.47
C PHE A 99 -18.98 -49.01 3.06
N ALA A 100 -20.01 -49.37 2.30
CA ALA A 100 -21.02 -50.31 2.78
C ALA A 100 -21.26 -51.41 1.77
N GLY A 101 -22.04 -52.41 2.19
CA GLY A 101 -22.37 -53.52 1.30
C GLY A 101 -23.26 -53.11 0.15
N GLY A 102 -24.19 -52.19 0.40
CA GLY A 102 -25.06 -51.68 -0.64
C GLY A 102 -26.21 -52.61 -0.96
N THR A 103 -27.10 -52.12 -1.82
CA THR A 103 -28.28 -52.86 -2.23
C THR A 103 -28.45 -52.75 -3.74
N LYS A 104 -28.72 -53.88 -4.38
CA LYS A 104 -28.97 -53.93 -5.81
C LYS A 104 -30.40 -53.54 -6.11
N LEU A 105 -30.62 -53.02 -7.32
CA LEU A 105 -31.96 -52.65 -7.77
C LEU A 105 -32.28 -53.31 -9.11
N GLU B 1 -14.78 -30.88 -19.53
CA GLU B 1 -15.04 -32.21 -19.03
C GLU B 1 -13.80 -32.83 -18.40
N VAL B 2 -13.91 -33.24 -17.13
CA VAL B 2 -12.82 -33.89 -16.42
C VAL B 2 -12.90 -35.38 -16.69
N GLN B 3 -11.80 -35.97 -17.12
CA GLN B 3 -11.73 -37.37 -17.53
C GLN B 3 -10.61 -38.07 -16.79
N LEU B 4 -10.89 -39.27 -16.30
CA LEU B 4 -9.89 -40.13 -15.66
C LEU B 4 -9.83 -41.43 -16.43
N GLN B 5 -8.71 -41.65 -17.13
CA GLN B 5 -8.50 -42.83 -17.95
C GLN B 5 -7.39 -43.68 -17.34
N GLN B 6 -7.62 -44.98 -17.26
CA GLN B 6 -6.67 -45.92 -16.71
C GLN B 6 -6.19 -46.86 -17.81
N SER B 7 -5.40 -47.87 -17.42
CA SER B 7 -4.93 -48.87 -18.35
C SER B 7 -6.00 -49.93 -18.55
N GLY B 8 -5.66 -51.01 -19.26
CA GLY B 8 -6.60 -52.08 -19.52
C GLY B 8 -6.67 -53.07 -18.38
N PRO B 9 -6.76 -54.36 -18.72
CA PRO B 9 -6.72 -55.41 -17.67
C PRO B 9 -5.41 -55.46 -16.92
N GLU B 10 -4.29 -55.14 -17.59
CA GLU B 10 -2.95 -55.07 -17.00
C GLU B 10 -2.55 -56.39 -16.35
N LEU B 11 -2.36 -57.41 -17.20
CA LEU B 11 -2.03 -58.75 -16.72
C LEU B 11 -0.68 -58.78 -16.03
N VAL B 12 -0.69 -59.08 -14.74
CA VAL B 12 0.50 -59.06 -13.90
C VAL B 12 0.59 -60.40 -13.19
N LYS B 13 1.80 -60.98 -13.16
CA LYS B 13 2.05 -62.27 -12.54
C LYS B 13 1.78 -62.18 -11.03
N PRO B 14 1.29 -63.27 -10.42
CA PRO B 14 0.99 -63.23 -8.99
C PRO B 14 2.25 -63.15 -8.14
N GLY B 15 2.17 -62.36 -7.07
CA GLY B 15 3.32 -62.11 -6.22
C GLY B 15 4.26 -61.04 -6.71
N ALA B 16 4.02 -60.48 -7.89
CA ALA B 16 4.88 -59.46 -8.48
C ALA B 16 4.31 -58.07 -8.18
N SER B 17 4.87 -57.06 -8.84
CA SER B 17 4.44 -55.68 -8.67
C SER B 17 3.57 -55.26 -9.85
N MET B 18 2.40 -54.70 -9.56
CA MET B 18 1.46 -54.27 -10.58
C MET B 18 1.36 -52.76 -10.58
N LYS B 19 1.29 -52.18 -11.78
CA LYS B 19 1.13 -50.74 -11.95
C LYS B 19 -0.22 -50.44 -12.61
N ILE B 20 -0.86 -49.38 -12.15
CA ILE B 20 -2.14 -48.95 -12.71
C ILE B 20 -2.16 -47.43 -12.80
N SER B 21 -1.97 -46.91 -14.01
CA SER B 21 -1.95 -45.47 -14.20
C SER B 21 -3.36 -44.89 -14.13
N CYS B 22 -3.43 -43.56 -13.99
CA CYS B 22 -4.71 -42.85 -14.00
C CYS B 22 -4.46 -41.46 -14.55
N LYS B 23 -4.70 -41.28 -15.85
CA LYS B 23 -4.39 -40.02 -16.51
C LYS B 23 -5.42 -38.95 -16.13
N ALA B 24 -4.94 -37.74 -15.90
CA ALA B 24 -5.78 -36.60 -15.56
C ALA B 24 -5.83 -35.64 -16.74
N SER B 25 -7.05 -35.31 -17.17
CA SER B 25 -7.23 -34.41 -18.30
C SER B 25 -8.42 -33.50 -18.02
N GLY B 26 -8.38 -32.31 -18.62
CA GLY B 26 -9.43 -31.33 -18.46
C GLY B 26 -9.30 -30.46 -17.24
N TYR B 27 -8.26 -30.63 -16.43
CA TYR B 27 -8.07 -29.88 -15.20
C TYR B 27 -6.59 -29.96 -14.82
N SER B 28 -6.21 -29.16 -13.82
CA SER B 28 -4.83 -29.17 -13.34
C SER B 28 -4.66 -30.33 -12.36
N PHE B 29 -3.72 -31.23 -12.66
CA PHE B 29 -3.55 -32.46 -11.91
C PHE B 29 -3.14 -32.21 -10.46
N THR B 30 -2.24 -31.24 -10.25
CA THR B 30 -1.73 -30.98 -8.90
C THR B 30 -2.74 -30.28 -8.01
N GLY B 31 -3.83 -29.75 -8.57
CA GLY B 31 -4.78 -29.00 -7.77
C GLY B 31 -5.85 -29.83 -7.08
N TYR B 32 -5.90 -31.13 -7.32
CA TYR B 32 -6.98 -31.97 -6.81
C TYR B 32 -6.43 -33.29 -6.28
N THR B 33 -6.73 -33.60 -5.03
CA THR B 33 -6.26 -34.83 -4.40
C THR B 33 -6.92 -36.05 -5.04
N MET B 34 -6.10 -37.02 -5.42
CA MET B 34 -6.57 -38.24 -6.07
C MET B 34 -6.42 -39.42 -5.12
N ASN B 35 -7.55 -39.98 -4.69
CA ASN B 35 -7.57 -41.13 -3.80
C ASN B 35 -7.47 -42.41 -4.62
N TRP B 36 -7.54 -43.55 -3.93
CA TRP B 36 -7.49 -44.85 -4.60
C TRP B 36 -8.40 -45.81 -3.85
N VAL B 37 -9.47 -46.25 -4.49
CA VAL B 37 -10.49 -47.10 -3.89
C VAL B 37 -10.54 -48.41 -4.65
N LYS B 38 -10.57 -49.53 -3.92
CA LYS B 38 -10.53 -50.85 -4.51
C LYS B 38 -11.86 -51.56 -4.33
N GLN B 39 -12.36 -52.18 -5.40
CA GLN B 39 -13.61 -52.95 -5.38
C GLN B 39 -13.28 -54.36 -4.91
N SER B 40 -13.46 -54.60 -3.61
CA SER B 40 -13.16 -55.91 -3.04
C SER B 40 -14.28 -56.89 -3.35
N HIS B 41 -13.94 -58.01 -3.99
CA HIS B 41 -14.81 -59.15 -4.29
C HIS B 41 -15.97 -58.80 -5.22
N GLY B 42 -15.92 -57.64 -5.88
CA GLY B 42 -16.98 -57.23 -6.77
C GLY B 42 -18.22 -56.68 -6.10
N LYS B 43 -18.25 -56.62 -4.77
CA LYS B 43 -19.44 -56.21 -4.05
C LYS B 43 -19.18 -55.12 -3.00
N ASN B 44 -17.99 -55.07 -2.43
CA ASN B 44 -17.69 -54.14 -1.34
C ASN B 44 -16.54 -53.23 -1.75
N LEU B 45 -16.76 -51.93 -1.65
CA LEU B 45 -15.68 -50.96 -1.79
C LEU B 45 -15.00 -50.75 -0.46
N GLU B 46 -13.71 -50.45 -0.52
CA GLU B 46 -12.96 -50.03 0.65
C GLU B 46 -11.83 -49.12 0.18
N TRP B 47 -11.38 -48.26 1.09
CA TRP B 47 -10.47 -47.19 0.74
C TRP B 47 -9.03 -47.61 0.99
N MET B 48 -8.19 -47.56 -0.04
CA MET B 48 -6.78 -47.87 0.15
C MET B 48 -6.01 -46.66 0.68
N GLY B 49 -6.23 -45.49 0.09
CA GLY B 49 -5.53 -44.31 0.53
C GLY B 49 -5.63 -43.19 -0.50
N LEU B 50 -4.80 -42.18 -0.31
CA LEU B 50 -4.74 -41.05 -1.22
C LEU B 50 -3.29 -40.66 -1.44
N ILE B 51 -3.08 -39.78 -2.42
CA ILE B 51 -1.79 -39.15 -2.63
C ILE B 51 -2.02 -37.68 -2.99
N ASN B 52 -1.32 -36.80 -2.30
CA ASN B 52 -1.28 -35.40 -2.70
C ASN B 52 -0.55 -35.31 -4.04
N PRO B 53 -1.14 -34.72 -5.06
CA PRO B 53 -0.43 -34.61 -6.33
C PRO B 53 0.54 -33.44 -6.37
N TYR B 54 0.29 -32.42 -5.55
CA TYR B 54 1.14 -31.23 -5.58
C TYR B 54 2.46 -31.46 -4.87
N LYS B 55 2.46 -32.28 -3.82
CA LYS B 55 3.66 -32.50 -3.02
C LYS B 55 4.11 -33.94 -2.98
N GLY B 56 3.32 -34.89 -3.48
CA GLY B 56 3.73 -36.28 -3.49
C GLY B 56 3.52 -37.03 -2.20
N VAL B 57 2.98 -36.38 -1.17
CA VAL B 57 2.81 -37.03 0.14
C VAL B 57 1.53 -37.86 0.11
N SER B 58 1.61 -39.07 0.63
CA SER B 58 0.50 -40.03 0.57
C SER B 58 0.11 -40.48 1.97
N THR B 59 -1.18 -40.74 2.13
CA THR B 59 -1.74 -41.25 3.38
C THR B 59 -2.53 -42.52 3.08
N TYR B 60 -2.30 -43.57 3.87
CA TYR B 60 -2.82 -44.89 3.58
C TYR B 60 -3.81 -45.36 4.63
N ASN B 61 -4.62 -46.34 4.25
CA ASN B 61 -5.37 -47.12 5.22
C ASN B 61 -4.41 -47.92 6.07
N GLN B 62 -4.71 -48.02 7.37
CA GLN B 62 -3.82 -48.70 8.30
C GLN B 62 -3.78 -50.20 8.06
N LYS B 63 -4.83 -50.77 7.47
CA LYS B 63 -4.81 -52.18 7.10
C LYS B 63 -3.95 -52.41 5.87
N PHE B 64 -3.94 -51.46 4.94
CA PHE B 64 -3.37 -51.65 3.61
C PHE B 64 -2.20 -50.69 3.35
N LYS B 65 -1.38 -50.45 4.39
CA LYS B 65 -0.16 -49.67 4.20
C LYS B 65 0.84 -50.42 3.33
N ASP B 66 0.94 -51.73 3.51
CA ASP B 66 1.90 -52.55 2.79
C ASP B 66 1.36 -53.13 1.49
N LYS B 67 0.08 -52.93 1.20
CA LYS B 67 -0.51 -53.54 0.01
C LYS B 67 -0.05 -52.85 -1.27
N ALA B 68 0.02 -51.52 -1.26
CA ALA B 68 0.44 -50.77 -2.44
C ALA B 68 1.07 -49.46 -1.99
N THR B 69 1.90 -48.91 -2.87
CA THR B 69 2.53 -47.61 -2.67
C THR B 69 2.10 -46.69 -3.79
N LEU B 70 1.60 -45.52 -3.42
CA LEU B 70 1.06 -44.57 -4.40
C LEU B 70 2.14 -43.56 -4.78
N THR B 71 2.41 -43.45 -6.08
CA THR B 71 3.32 -42.45 -6.63
C THR B 71 2.60 -41.70 -7.75
N VAL B 72 3.09 -40.50 -8.06
CA VAL B 72 2.52 -39.67 -9.11
C VAL B 72 3.63 -39.22 -10.05
N ASP B 73 3.21 -38.81 -11.25
CA ASP B 73 4.09 -38.23 -12.26
C ASP B 73 3.47 -36.92 -12.69
N LYS B 74 4.04 -35.80 -12.24
CA LYS B 74 3.47 -34.49 -12.54
C LYS B 74 3.63 -34.14 -14.01
N SER B 75 4.72 -34.59 -14.64
CA SER B 75 4.91 -34.36 -16.06
C SER B 75 3.93 -35.16 -16.90
N SER B 76 3.70 -36.42 -16.53
CA SER B 76 2.76 -37.28 -17.25
C SER B 76 1.32 -37.07 -16.84
N SER B 77 1.07 -36.34 -15.73
CA SER B 77 -0.26 -36.12 -15.16
C SER B 77 -0.99 -37.43 -14.86
N THR B 78 -0.24 -38.42 -14.38
CA THR B 78 -0.77 -39.73 -14.07
C THR B 78 -0.43 -40.11 -12.64
N ALA B 79 -1.35 -40.84 -12.00
CA ALA B 79 -1.14 -41.36 -10.66
C ALA B 79 -0.91 -42.86 -10.74
N TYR B 80 0.09 -43.35 -10.02
CA TYR B 80 0.50 -44.74 -10.07
C TYR B 80 0.25 -45.41 -8.73
N MET B 81 -0.05 -46.70 -8.79
CA MET B 81 -0.03 -47.56 -7.62
C MET B 81 0.92 -48.72 -7.90
N GLU B 82 1.68 -49.12 -6.89
CA GLU B 82 2.65 -50.21 -7.03
C GLU B 82 2.30 -51.26 -5.98
N LEU B 83 1.51 -52.25 -6.40
CA LEU B 83 1.04 -53.28 -5.49
C LEU B 83 2.19 -54.18 -5.06
N LEU B 84 2.28 -54.43 -3.75
CA LEU B 84 3.35 -55.24 -3.18
C LEU B 84 2.76 -56.53 -2.63
N SER B 85 3.31 -57.67 -3.09
CA SER B 85 2.93 -59.01 -2.65
C SER B 85 1.44 -59.28 -2.84
N LEU B 86 0.96 -59.06 -4.06
CA LEU B 86 -0.45 -59.30 -4.36
C LEU B 86 -0.72 -60.79 -4.44
N THR B 87 -1.86 -61.20 -3.89
CA THR B 87 -2.29 -62.58 -3.86
C THR B 87 -3.52 -62.76 -4.76
N SER B 88 -4.11 -63.96 -4.71
CA SER B 88 -5.35 -64.19 -5.44
C SER B 88 -6.51 -63.43 -4.81
N GLU B 89 -6.42 -63.13 -3.51
CA GLU B 89 -7.41 -62.26 -2.87
C GLU B 89 -7.31 -60.83 -3.40
N ASP B 90 -6.09 -60.35 -3.63
CA ASP B 90 -5.87 -58.98 -4.07
C ASP B 90 -6.25 -58.74 -5.53
N SER B 91 -6.57 -59.78 -6.28
CA SER B 91 -7.08 -59.60 -7.64
C SER B 91 -8.48 -59.00 -7.58
N ALA B 92 -8.62 -57.76 -8.02
CA ALA B 92 -9.85 -57.01 -7.85
C ALA B 92 -9.87 -55.87 -8.87
N VAL B 93 -10.80 -54.94 -8.70
CA VAL B 93 -10.92 -53.76 -9.56
C VAL B 93 -10.48 -52.55 -8.75
N TYR B 94 -9.62 -51.73 -9.33
CA TYR B 94 -9.05 -50.58 -8.64
C TYR B 94 -9.54 -49.30 -9.30
N TYR B 95 -10.20 -48.45 -8.52
CA TYR B 95 -10.69 -47.16 -8.99
C TYR B 95 -9.75 -46.06 -8.51
N CYS B 96 -9.39 -45.16 -9.40
CA CYS B 96 -8.74 -43.92 -9.02
C CYS B 96 -9.81 -42.85 -8.90
N ALA B 97 -9.89 -42.22 -7.73
CA ALA B 97 -10.98 -41.32 -7.42
C ALA B 97 -10.42 -39.95 -7.06
N ARG B 98 -10.66 -38.98 -7.92
CA ARG B 98 -10.29 -37.60 -7.63
C ARG B 98 -11.17 -37.04 -6.52
N SER B 99 -10.67 -36.03 -5.82
CA SER B 99 -11.46 -35.32 -4.84
C SER B 99 -10.90 -33.90 -4.71
N GLY B 100 -11.47 -33.15 -3.78
CA GLY B 100 -10.95 -31.83 -3.50
C GLY B 100 -9.61 -31.91 -2.78
N TYR B 101 -8.82 -30.84 -2.95
CA TYR B 101 -7.46 -30.84 -2.43
C TYR B 101 -7.42 -30.75 -0.92
N TYR B 102 -8.19 -29.83 -0.34
CA TYR B 102 -8.08 -29.51 1.06
C TYR B 102 -8.98 -30.42 1.89
N GLY B 103 -8.97 -30.21 3.20
CA GLY B 103 -9.67 -31.10 4.12
C GLY B 103 -11.17 -30.94 4.15
N ASP B 104 -11.72 -29.94 3.47
CA ASP B 104 -13.16 -29.79 3.38
C ASP B 104 -13.75 -30.57 2.21
N SER B 105 -12.93 -31.05 1.29
CA SER B 105 -13.46 -31.76 0.12
C SER B 105 -12.62 -32.96 -0.30
N ASP B 106 -11.72 -33.44 0.55
CA ASP B 106 -10.94 -34.63 0.23
C ASP B 106 -11.60 -35.92 0.70
N TRP B 107 -12.84 -35.83 1.19
CA TRP B 107 -13.54 -36.98 1.75
C TRP B 107 -14.72 -37.44 0.91
N TYR B 108 -15.14 -36.67 -0.09
CA TYR B 108 -16.06 -37.16 -1.10
C TYR B 108 -15.36 -37.18 -2.45
N PHE B 109 -15.51 -38.30 -3.15
CA PHE B 109 -14.80 -38.55 -4.41
C PHE B 109 -15.71 -38.11 -5.56
N ASP B 110 -15.34 -37.01 -6.22
CA ASP B 110 -16.28 -36.38 -7.14
C ASP B 110 -16.34 -37.11 -8.48
N VAL B 111 -15.20 -37.37 -9.10
CA VAL B 111 -15.14 -38.08 -10.37
C VAL B 111 -14.24 -39.30 -10.19
N TRP B 112 -14.68 -40.43 -10.71
CA TRP B 112 -13.98 -41.69 -10.53
C TRP B 112 -13.36 -42.12 -11.85
N GLY B 113 -12.73 -43.29 -11.84
CA GLY B 113 -12.19 -43.89 -13.04
C GLY B 113 -13.05 -45.07 -13.47
N GLN B 114 -12.71 -45.61 -14.64
CA GLN B 114 -13.43 -46.77 -15.16
C GLN B 114 -13.15 -48.01 -14.34
N GLY B 115 -12.00 -48.08 -13.69
CA GLY B 115 -11.64 -49.23 -12.89
C GLY B 115 -10.99 -50.32 -13.71
N THR B 116 -9.80 -50.73 -13.30
CA THR B 116 -9.06 -51.79 -14.00
C THR B 116 -9.22 -53.09 -13.22
N THR B 117 -9.86 -54.07 -13.84
CA THR B 117 -10.05 -55.38 -13.21
C THR B 117 -8.72 -56.13 -13.29
N LEU B 118 -7.97 -56.08 -12.20
CA LEU B 118 -6.67 -56.74 -12.14
C LEU B 118 -6.88 -58.24 -11.98
N THR B 119 -7.05 -58.91 -13.11
CA THR B 119 -7.27 -60.35 -13.12
C THR B 119 -5.96 -61.08 -13.39
N VAL B 120 -5.84 -62.27 -12.82
CA VAL B 120 -4.67 -63.10 -13.02
C VAL B 120 -5.07 -64.41 -13.71
N MET C 1 -12.02 29.02 -32.95
CA MET C 1 -12.03 27.81 -32.12
C MET C 1 -13.26 27.76 -31.22
N ASP C 2 -13.94 28.90 -31.11
CA ASP C 2 -15.12 28.99 -30.25
C ASP C 2 -16.28 28.19 -30.84
N ILE C 3 -17.13 27.69 -29.96
CA ILE C 3 -18.23 26.83 -30.36
C ILE C 3 -19.37 27.69 -30.87
N GLN C 4 -19.70 27.53 -32.16
CA GLN C 4 -20.80 28.26 -32.78
C GLN C 4 -22.11 27.59 -32.38
N MET C 5 -22.56 27.93 -31.18
CA MET C 5 -23.74 27.31 -30.60
C MET C 5 -24.99 28.08 -31.01
N THR C 6 -25.88 27.42 -31.74
CA THR C 6 -27.09 28.04 -32.24
C THR C 6 -28.30 27.19 -31.88
N GLN C 7 -29.46 27.84 -31.82
CA GLN C 7 -30.73 27.18 -31.60
C GLN C 7 -31.48 27.07 -32.93
N THR C 8 -32.19 25.96 -33.11
CA THR C 8 -32.94 25.74 -34.34
C THR C 8 -34.15 26.67 -34.43
N THR C 9 -34.88 26.83 -33.33
CA THR C 9 -36.07 27.66 -33.29
C THR C 9 -35.77 28.96 -32.55
N SER C 10 -36.10 30.08 -33.18
CA SER C 10 -35.90 31.40 -32.58
C SER C 10 -37.19 32.00 -32.03
N SER C 11 -38.32 31.76 -32.69
CA SER C 11 -39.63 32.19 -32.21
C SER C 11 -40.53 30.98 -32.16
N LEU C 12 -40.99 30.63 -30.95
CA LEU C 12 -41.84 29.48 -30.73
C LEU C 12 -43.25 29.95 -30.37
N SER C 13 -44.25 29.39 -31.04
CA SER C 13 -45.64 29.70 -30.75
C SER C 13 -46.20 28.66 -29.80
N ALA C 14 -46.84 29.12 -28.73
CA ALA C 14 -47.40 28.23 -27.71
C ALA C 14 -48.65 28.88 -27.14
N SER C 15 -49.12 28.34 -26.01
CA SER C 15 -50.32 28.84 -25.35
C SER C 15 -50.21 28.54 -23.87
N LEU C 16 -51.16 29.09 -23.11
CA LEU C 16 -51.18 28.90 -21.66
C LEU C 16 -51.53 27.45 -21.32
N GLY C 17 -50.81 26.90 -20.34
CA GLY C 17 -51.03 25.53 -19.92
C GLY C 17 -50.44 24.47 -20.83
N ASP C 18 -49.71 24.86 -21.86
CA ASP C 18 -49.15 23.92 -22.83
C ASP C 18 -47.77 23.45 -22.38
N ARG C 19 -47.48 22.19 -22.67
CA ARG C 19 -46.15 21.61 -22.46
C ARG C 19 -45.44 21.59 -23.81
N VAL C 20 -44.37 22.37 -23.94
CA VAL C 20 -43.63 22.49 -25.20
C VAL C 20 -42.15 22.44 -24.87
N THR C 21 -41.35 21.97 -25.84
CA THR C 21 -39.91 21.86 -25.67
C THR C 21 -39.18 22.89 -26.51
N ILE C 22 -37.95 23.17 -26.11
CA ILE C 22 -37.09 24.14 -26.78
C ILE C 22 -35.77 23.46 -27.11
N SER C 23 -35.39 23.49 -28.39
CA SER C 23 -34.23 22.77 -28.88
C SER C 23 -33.00 23.68 -28.92
N CYS C 24 -31.84 23.09 -28.67
CA CYS C 24 -30.57 23.80 -28.74
C CYS C 24 -29.48 22.80 -29.07
N ARG C 25 -28.91 22.90 -30.27
CA ARG C 25 -27.93 21.95 -30.77
C ARG C 25 -26.54 22.57 -30.73
N ALA C 26 -25.57 21.82 -30.23
CA ALA C 26 -24.20 22.30 -30.10
C ALA C 26 -23.38 21.92 -31.31
N SER C 27 -22.31 22.69 -31.54
CA SER C 27 -21.40 22.38 -32.64
C SER C 27 -20.47 21.21 -32.30
N GLN C 28 -20.18 20.99 -31.02
CA GLN C 28 -19.33 19.90 -30.59
C GLN C 28 -19.95 19.22 -29.38
N ASP C 29 -19.38 18.07 -29.00
CA ASP C 29 -19.81 17.38 -27.79
C ASP C 29 -19.34 18.17 -26.58
N ILE C 30 -20.28 18.61 -25.75
CA ILE C 30 -19.93 19.43 -24.59
C ILE C 30 -20.39 18.79 -23.29
N ARG C 31 -20.35 17.45 -23.26
CA ARG C 31 -20.34 16.56 -22.08
C ARG C 31 -21.21 17.05 -20.92
N ASN C 32 -22.48 17.33 -21.25
CA ASN C 32 -23.53 17.70 -20.30
C ASN C 32 -23.19 19.00 -19.55
N TYR C 33 -22.70 20.00 -20.28
CA TYR C 33 -22.40 21.32 -19.74
C TYR C 33 -23.25 22.36 -20.47
N LEU C 34 -24.49 22.55 -20.01
CA LEU C 34 -25.33 23.62 -20.51
C LEU C 34 -26.05 24.30 -19.37
N ASN C 35 -26.61 25.46 -19.70
CA ASN C 35 -27.47 26.21 -18.82
C ASN C 35 -28.71 26.65 -19.57
N TRP C 36 -29.74 27.01 -18.83
CA TRP C 36 -31.01 27.43 -19.42
C TRP C 36 -31.46 28.72 -18.76
N TYR C 37 -31.12 29.85 -19.38
CA TYR C 37 -31.52 31.16 -18.89
C TYR C 37 -32.79 31.62 -19.59
N GLN C 38 -33.63 32.33 -18.85
CA GLN C 38 -34.84 32.93 -19.40
C GLN C 38 -34.68 34.45 -19.35
N GLN C 39 -35.18 35.12 -20.38
CA GLN C 39 -35.09 36.58 -20.46
C GLN C 39 -36.48 37.20 -20.37
N LYS C 40 -36.71 37.95 -19.30
CA LYS C 40 -37.95 38.69 -19.13
C LYS C 40 -38.02 39.83 -20.16
N PRO C 41 -39.23 40.34 -20.44
CA PRO C 41 -39.34 41.45 -21.41
C PRO C 41 -38.59 42.73 -21.01
N ASP C 42 -38.38 42.98 -19.71
CA ASP C 42 -37.64 44.18 -19.33
C ASP C 42 -36.14 43.99 -19.44
N GLY C 43 -35.67 42.76 -19.64
CA GLY C 43 -34.24 42.47 -19.77
C GLY C 43 -33.64 41.73 -18.60
N THR C 44 -34.40 41.49 -17.53
CA THR C 44 -33.87 40.80 -16.37
C THR C 44 -33.81 39.31 -16.64
N VAL C 45 -32.60 38.76 -16.58
CA VAL C 45 -32.38 37.34 -16.87
C VAL C 45 -31.98 36.64 -15.59
N LYS C 46 -32.13 35.31 -15.60
CA LYS C 46 -31.78 34.49 -14.44
C LYS C 46 -31.53 33.07 -14.91
N LEU C 47 -30.89 32.30 -14.04
CA LEU C 47 -30.57 30.91 -14.34
C LEU C 47 -31.66 29.99 -13.82
N LEU C 48 -32.06 29.03 -14.65
CA LEU C 48 -33.11 28.08 -14.29
C LEU C 48 -32.57 26.66 -14.13
N ILE C 49 -31.89 26.14 -15.15
CA ILE C 49 -31.29 24.81 -15.11
C ILE C 49 -29.81 24.98 -15.39
N TYR C 50 -28.98 24.37 -14.54
CA TYR C 50 -27.54 24.29 -14.78
C TYR C 50 -27.13 22.82 -14.74
N TYR C 51 -26.13 22.47 -15.55
CA TYR C 51 -25.62 21.11 -15.79
C TYR C 51 -26.65 20.23 -16.50
N THR C 52 -27.80 20.78 -16.90
CA THR C 52 -28.90 20.21 -17.70
C THR C 52 -29.68 19.15 -16.91
N SER C 53 -29.17 18.77 -15.74
CA SER C 53 -29.80 17.74 -14.92
C SER C 53 -30.37 18.26 -13.62
N ARG C 54 -29.66 19.13 -12.93
CA ARG C 54 -30.09 19.67 -11.65
C ARG C 54 -30.70 21.05 -11.83
N LEU C 55 -31.57 21.43 -10.90
CA LEU C 55 -32.29 22.69 -10.97
C LEU C 55 -31.61 23.76 -10.11
N HIS C 56 -31.88 25.02 -10.45
CA HIS C 56 -31.31 26.14 -9.73
C HIS C 56 -31.94 26.26 -8.34
N SER C 57 -31.22 26.92 -7.44
CA SER C 57 -31.75 27.22 -6.12
C SER C 57 -32.79 28.33 -6.22
N GLY C 58 -34.02 28.03 -5.82
CA GLY C 58 -35.10 28.98 -5.86
C GLY C 58 -35.94 28.97 -7.12
N VAL C 59 -35.62 28.12 -8.08
CA VAL C 59 -36.39 28.04 -9.33
C VAL C 59 -37.69 27.29 -9.04
N PRO C 60 -38.78 27.58 -9.74
CA PRO C 60 -39.93 26.68 -9.70
C PRO C 60 -39.59 25.33 -10.32
N SER C 61 -40.26 24.29 -9.84
CA SER C 61 -39.97 22.93 -10.26
C SER C 61 -40.50 22.60 -11.66
N LYS C 62 -41.30 23.48 -12.25
CA LYS C 62 -41.85 23.22 -13.58
C LYS C 62 -40.81 23.30 -14.68
N PHE C 63 -39.67 23.94 -14.42
CA PHE C 63 -38.57 23.98 -15.39
C PHE C 63 -37.75 22.71 -15.27
N SER C 64 -37.44 22.09 -16.41
CA SER C 64 -36.62 20.89 -16.44
C SER C 64 -35.98 20.77 -17.81
N GLY C 65 -34.93 19.95 -17.87
CA GLY C 65 -34.23 19.72 -19.12
C GLY C 65 -33.54 18.38 -19.10
N SER C 66 -33.09 17.97 -20.28
CA SER C 66 -32.39 16.70 -20.45
C SER C 66 -31.56 16.78 -21.73
N GLY C 67 -31.05 15.63 -22.15
CA GLY C 67 -30.22 15.54 -23.34
C GLY C 67 -28.74 15.42 -23.00
N SER C 68 -27.98 14.86 -23.94
CA SER C 68 -26.54 14.75 -23.78
C SER C 68 -25.92 14.69 -25.17
N GLY C 69 -24.61 14.93 -25.20
CA GLY C 69 -23.89 14.94 -26.46
C GLY C 69 -23.93 16.28 -27.14
N THR C 70 -24.75 16.40 -28.17
CA THR C 70 -24.96 17.67 -28.86
C THR C 70 -26.41 18.14 -28.88
N ASP C 71 -27.38 17.25 -28.70
CA ASP C 71 -28.79 17.61 -28.69
C ASP C 71 -29.26 17.75 -27.25
N TYR C 72 -29.67 18.97 -26.89
CA TYR C 72 -30.16 19.27 -25.55
C TYR C 72 -31.49 20.01 -25.67
N SER C 73 -32.35 19.82 -24.67
CA SER C 73 -33.68 20.38 -24.74
C SER C 73 -34.15 20.78 -23.35
N LEU C 74 -35.12 21.68 -23.32
CA LEU C 74 -35.76 22.15 -22.09
C LEU C 74 -37.20 21.66 -22.09
N THR C 75 -37.65 21.15 -20.95
CA THR C 75 -39.03 20.69 -20.81
C THR C 75 -39.76 21.63 -19.84
N ILE C 76 -40.77 22.33 -20.35
CA ILE C 76 -41.54 23.27 -19.55
C ILE C 76 -43.02 23.04 -19.82
N SER C 77 -43.83 23.04 -18.77
CA SER C 77 -45.27 22.91 -18.86
C SER C 77 -45.92 24.05 -18.09
N ASN C 78 -47.26 24.10 -18.18
CA ASN C 78 -48.16 25.10 -17.57
C ASN C 78 -47.61 26.53 -17.68
N LEU C 79 -47.49 26.99 -18.92
CA LEU C 79 -47.04 28.35 -19.20
C LEU C 79 -48.06 29.36 -18.68
N GLU C 80 -47.57 30.37 -17.98
CA GLU C 80 -48.40 31.41 -17.38
C GLU C 80 -48.04 32.78 -17.97
N GLN C 81 -48.62 33.82 -17.40
CA GLN C 81 -48.25 35.18 -17.76
C GLN C 81 -46.88 35.56 -17.20
N GLU C 82 -46.38 34.82 -16.21
CA GLU C 82 -45.03 35.00 -15.71
C GLU C 82 -43.98 34.26 -16.54
N ASP C 83 -44.40 33.24 -17.30
CA ASP C 83 -43.46 32.38 -18.00
C ASP C 83 -43.14 32.85 -19.42
N ILE C 84 -43.78 33.91 -19.91
CA ILE C 84 -43.49 34.40 -21.25
C ILE C 84 -42.12 35.09 -21.25
N ALA C 85 -41.20 34.56 -22.03
CA ALA C 85 -39.79 34.95 -21.95
C ALA C 85 -39.07 34.48 -23.21
N THR C 86 -37.75 34.71 -23.24
CA THR C 86 -36.87 34.19 -24.27
C THR C 86 -35.83 33.31 -23.59
N TYR C 87 -35.63 32.11 -24.11
CA TYR C 87 -34.88 31.07 -23.41
C TYR C 87 -33.56 30.79 -24.13
N PHE C 88 -32.48 30.69 -23.35
CA PHE C 88 -31.12 30.66 -23.88
C PHE C 88 -30.38 29.42 -23.40
N CYS C 89 -29.35 29.05 -24.17
CA CYS C 89 -28.44 27.98 -23.80
C CYS C 89 -27.02 28.46 -23.97
N GLN C 90 -26.09 27.80 -23.29
CA GLN C 90 -24.69 28.19 -23.35
C GLN C 90 -23.83 26.94 -23.22
N GLN C 91 -22.58 27.03 -23.69
CA GLN C 91 -21.66 25.91 -23.60
C GLN C 91 -20.66 26.13 -22.47
N GLY C 92 -20.09 25.05 -21.97
CA GLY C 92 -19.21 25.16 -20.83
C GLY C 92 -17.83 24.55 -20.99
N ASN C 93 -17.56 23.91 -22.12
CA ASN C 93 -16.29 23.20 -22.29
C ASN C 93 -15.14 24.16 -22.55
N THR C 94 -15.21 24.89 -23.65
CA THR C 94 -14.09 25.68 -24.13
C THR C 94 -14.40 27.17 -24.00
N LEU C 95 -13.45 27.93 -23.50
CA LEU C 95 -13.56 29.37 -23.52
C LEU C 95 -13.50 29.88 -24.96
N PRO C 96 -14.33 30.86 -25.33
CA PRO C 96 -15.34 31.56 -24.54
C PRO C 96 -16.65 30.78 -24.42
N TRP C 97 -17.42 31.00 -23.36
CA TRP C 97 -18.70 30.33 -23.20
C TRP C 97 -19.75 31.03 -24.04
N THR C 98 -20.03 30.47 -25.22
CA THR C 98 -20.82 31.12 -26.25
C THR C 98 -22.30 30.79 -26.04
N PHE C 99 -23.14 31.81 -26.17
CA PHE C 99 -24.58 31.66 -26.06
C PHE C 99 -25.18 31.32 -27.43
N ALA C 100 -26.50 31.38 -27.50
CA ALA C 100 -27.24 31.15 -28.73
C ALA C 100 -28.16 32.34 -29.01
N GLY C 101 -28.94 32.23 -30.08
CA GLY C 101 -29.86 33.28 -30.45
C GLY C 101 -31.07 33.39 -29.55
N GLY C 102 -31.40 32.35 -28.79
CA GLY C 102 -32.52 32.42 -27.89
C GLY C 102 -33.86 32.14 -28.53
N THR C 103 -34.69 31.36 -27.86
CA THR C 103 -36.02 31.02 -28.34
C THR C 103 -37.06 31.78 -27.52
N LYS C 104 -37.80 32.66 -28.20
CA LYS C 104 -38.81 33.47 -27.55
C LYS C 104 -40.18 32.81 -27.68
N LEU C 105 -40.88 32.67 -26.56
CA LEU C 105 -42.23 32.12 -26.58
C LEU C 105 -43.19 33.14 -27.18
N GLU C 106 -44.33 32.63 -27.65
CA GLU C 106 -45.40 33.47 -28.20
C GLU C 106 -46.73 33.01 -27.63
N ILE C 107 -47.56 33.96 -27.23
CA ILE C 107 -48.86 33.63 -26.65
C ILE C 107 -49.95 33.76 -27.70
N GLU D 1 -30.90 39.11 0.70
CA GLU D 1 -30.87 38.41 -0.57
C GLU D 1 -29.64 38.83 -1.38
N VAL D 2 -29.38 38.10 -2.46
CA VAL D 2 -28.30 38.45 -3.37
C VAL D 2 -28.88 39.16 -4.60
N GLN D 3 -28.33 40.33 -4.91
CA GLN D 3 -28.79 41.11 -6.04
C GLN D 3 -27.66 42.05 -6.47
N LEU D 4 -27.60 42.32 -7.77
CA LEU D 4 -26.55 43.13 -8.34
C LEU D 4 -27.18 44.33 -9.06
N GLN D 5 -26.84 45.53 -8.61
CA GLN D 5 -27.32 46.76 -9.22
C GLN D 5 -26.20 47.37 -10.05
N GLN D 6 -26.56 47.89 -11.21
CA GLN D 6 -25.58 48.45 -12.13
C GLN D 6 -25.80 49.94 -12.32
N SER D 7 -24.93 50.55 -13.10
CA SER D 7 -25.07 51.97 -13.39
C SER D 7 -26.23 52.20 -14.35
N GLY D 8 -26.63 53.47 -14.44
CA GLY D 8 -27.71 53.85 -15.32
C GLY D 8 -27.31 53.81 -16.77
N PRO D 9 -28.29 53.85 -17.67
CA PRO D 9 -27.98 53.94 -19.11
C PRO D 9 -27.37 55.29 -19.43
N GLU D 10 -26.19 55.25 -20.05
CA GLU D 10 -25.48 56.47 -20.39
C GLU D 10 -25.36 56.60 -21.90
N LEU D 11 -25.70 57.78 -22.41
CA LEU D 11 -25.60 58.08 -23.83
C LEU D 11 -24.18 58.54 -24.11
N VAL D 12 -23.28 57.56 -24.25
CA VAL D 12 -21.85 57.83 -24.42
C VAL D 12 -21.55 57.98 -25.90
N LYS D 13 -20.87 59.07 -26.26
CA LYS D 13 -20.51 59.32 -27.64
C LYS D 13 -19.49 58.29 -28.14
N PRO D 14 -19.52 57.95 -29.43
CA PRO D 14 -18.53 57.01 -29.96
C PRO D 14 -17.12 57.58 -29.94
N GLY D 15 -16.15 56.68 -29.78
CA GLY D 15 -14.75 57.05 -29.70
C GLY D 15 -14.26 57.40 -28.32
N ALA D 16 -15.15 57.56 -27.35
CA ALA D 16 -14.77 57.87 -25.98
C ALA D 16 -14.60 56.57 -25.19
N SER D 17 -14.47 56.69 -23.88
CA SER D 17 -14.32 55.54 -22.99
C SER D 17 -15.43 55.58 -21.95
N MET D 18 -16.11 54.45 -21.77
CA MET D 18 -17.21 54.34 -20.83
C MET D 18 -16.78 53.56 -19.59
N LYS D 19 -17.54 53.77 -18.51
CA LYS D 19 -17.29 53.10 -17.23
C LYS D 19 -18.65 52.72 -16.65
N ILE D 20 -18.91 51.43 -16.55
CA ILE D 20 -20.13 50.92 -15.93
C ILE D 20 -19.74 50.09 -14.72
N SER D 21 -20.39 50.37 -13.60
CA SER D 21 -20.15 49.62 -12.38
C SER D 21 -21.24 48.57 -12.20
N CYS D 22 -20.95 47.59 -11.36
CA CYS D 22 -22.03 46.74 -10.86
C CYS D 22 -21.68 46.32 -9.43
N LYS D 23 -22.52 46.75 -8.48
CA LYS D 23 -22.32 46.40 -7.10
C LYS D 23 -22.66 44.93 -6.87
N ALA D 24 -22.06 44.35 -5.83
CA ALA D 24 -22.39 43.00 -5.40
C ALA D 24 -22.83 43.06 -3.94
N SER D 25 -24.01 42.53 -3.65
CA SER D 25 -24.55 42.59 -2.30
C SER D 25 -25.13 41.23 -1.95
N GLY D 26 -25.17 40.96 -0.64
CA GLY D 26 -25.75 39.73 -0.13
C GLY D 26 -24.85 38.52 -0.13
N TYR D 27 -23.59 38.67 -0.57
CA TYR D 27 -22.67 37.55 -0.59
C TYR D 27 -21.25 38.09 -0.53
N SER D 28 -20.30 37.19 -0.26
CA SER D 28 -18.88 37.52 -0.22
C SER D 28 -18.39 37.73 -1.64
N PHE D 29 -18.12 38.99 -1.99
CA PHE D 29 -17.89 39.34 -3.38
C PHE D 29 -16.56 38.81 -3.90
N THR D 30 -15.52 38.80 -3.06
CA THR D 30 -14.20 38.39 -3.53
C THR D 30 -14.07 36.90 -3.76
N GLY D 31 -15.05 36.10 -3.34
CA GLY D 31 -15.01 34.67 -3.53
C GLY D 31 -15.79 34.11 -4.69
N TYR D 32 -16.44 34.96 -5.49
CA TYR D 32 -17.18 34.50 -6.65
C TYR D 32 -16.74 35.29 -7.88
N THR D 33 -16.59 34.60 -9.00
CA THR D 33 -16.13 35.22 -10.23
C THR D 33 -17.24 36.08 -10.84
N MET D 34 -16.85 37.23 -11.38
CA MET D 34 -17.77 38.14 -12.06
C MET D 34 -17.54 38.02 -13.56
N ASN D 35 -18.56 37.56 -14.29
CA ASN D 35 -18.51 37.42 -15.73
C ASN D 35 -19.28 38.57 -16.37
N TRP D 36 -18.73 39.17 -17.42
CA TRP D 36 -19.34 40.31 -18.08
C TRP D 36 -19.88 39.89 -19.44
N VAL D 37 -21.19 40.07 -19.64
CA VAL D 37 -21.90 39.54 -20.80
C VAL D 37 -22.63 40.69 -21.49
N LYS D 38 -22.46 40.80 -22.80
CA LYS D 38 -23.08 41.83 -23.61
C LYS D 38 -24.22 41.23 -24.41
N GLN D 39 -25.39 41.86 -24.37
CA GLN D 39 -26.55 41.43 -25.15
C GLN D 39 -26.66 42.34 -26.38
N SER D 40 -26.10 41.90 -27.49
CA SER D 40 -26.12 42.69 -28.71
C SER D 40 -27.48 42.64 -29.38
N HIS D 41 -27.96 43.81 -29.81
CA HIS D 41 -29.20 44.02 -30.57
C HIS D 41 -30.46 43.59 -29.82
N GLY D 42 -30.37 43.29 -28.53
CA GLY D 42 -31.51 42.81 -27.78
C GLY D 42 -31.86 41.36 -27.98
N LYS D 43 -31.11 40.62 -28.79
CA LYS D 43 -31.41 39.21 -29.04
C LYS D 43 -30.28 38.28 -28.63
N ASN D 44 -29.07 38.50 -29.12
CA ASN D 44 -27.99 37.53 -28.98
C ASN D 44 -27.07 37.90 -27.83
N LEU D 45 -26.96 36.99 -26.85
CA LEU D 45 -26.05 37.19 -25.74
C LEU D 45 -24.63 36.84 -26.14
N GLU D 46 -23.67 37.66 -25.68
CA GLU D 46 -22.26 37.44 -25.97
C GLU D 46 -21.47 37.57 -24.69
N TRP D 47 -20.60 36.60 -24.41
CA TRP D 47 -19.78 36.59 -23.22
C TRP D 47 -18.44 37.24 -23.53
N MET D 48 -18.12 38.32 -22.81
CA MET D 48 -16.92 39.10 -23.07
C MET D 48 -15.74 38.69 -22.20
N GLY D 49 -15.98 38.26 -20.97
CA GLY D 49 -14.89 37.80 -20.14
C GLY D 49 -15.28 37.76 -18.68
N LEU D 50 -14.35 37.27 -17.88
CA LEU D 50 -14.49 37.20 -16.44
C LEU D 50 -13.29 37.85 -15.79
N ILE D 51 -13.51 38.52 -14.66
CA ILE D 51 -12.42 39.02 -13.84
C ILE D 51 -12.55 38.41 -12.45
N ASN D 52 -11.49 37.79 -11.98
CA ASN D 52 -11.48 37.25 -10.64
C ASN D 52 -11.32 38.41 -9.66
N PRO D 53 -12.24 38.61 -8.73
CA PRO D 53 -12.09 39.75 -7.79
C PRO D 53 -10.90 39.63 -6.86
N TYR D 54 -10.53 38.41 -6.47
CA TYR D 54 -9.45 38.23 -5.51
C TYR D 54 -8.09 38.45 -6.16
N LYS D 55 -7.74 37.62 -7.14
CA LYS D 55 -6.43 37.73 -7.77
C LYS D 55 -6.32 38.94 -8.68
N GLY D 56 -7.41 39.35 -9.31
CA GLY D 56 -7.35 40.40 -10.31
C GLY D 56 -6.99 39.94 -11.69
N VAL D 57 -6.66 38.66 -11.86
CA VAL D 57 -6.34 38.11 -13.18
C VAL D 57 -7.64 37.87 -13.92
N SER D 58 -7.76 38.44 -15.11
CA SER D 58 -8.98 38.38 -15.90
C SER D 58 -8.72 37.67 -17.21
N THR D 59 -9.63 36.78 -17.58
CA THR D 59 -9.58 36.07 -18.85
C THR D 59 -10.71 36.58 -19.75
N TYR D 60 -10.35 36.99 -20.97
CA TYR D 60 -11.28 37.66 -21.87
C TYR D 60 -11.72 36.73 -22.98
N ASN D 61 -12.77 37.16 -23.68
CA ASN D 61 -13.12 36.55 -24.95
C ASN D 61 -12.04 36.86 -25.99
N GLN D 62 -11.92 35.97 -26.98
CA GLN D 62 -10.95 36.20 -28.05
C GLN D 62 -11.36 37.38 -28.93
N LYS D 63 -12.67 37.59 -29.10
CA LYS D 63 -13.14 38.74 -29.85
C LYS D 63 -13.01 40.02 -29.05
N PHE D 64 -13.37 39.99 -27.76
CA PHE D 64 -13.38 41.16 -26.91
C PHE D 64 -12.16 41.24 -26.01
N LYS D 65 -11.03 40.69 -26.46
CA LYS D 65 -9.78 40.80 -25.69
C LYS D 65 -9.30 42.24 -25.64
N ASP D 66 -9.36 42.95 -26.76
CA ASP D 66 -8.87 44.31 -26.85
C ASP D 66 -9.95 45.36 -26.68
N LYS D 67 -11.21 45.02 -26.92
CA LYS D 67 -12.31 45.98 -26.89
C LYS D 67 -12.86 46.20 -25.49
N ALA D 68 -12.41 45.44 -24.49
CA ALA D 68 -12.93 45.58 -23.14
C ALA D 68 -11.79 45.45 -22.14
N THR D 69 -11.99 46.03 -20.96
CA THR D 69 -11.02 45.97 -19.89
C THR D 69 -11.78 45.95 -18.56
N LEU D 70 -11.50 44.94 -17.75
CA LEU D 70 -12.22 44.73 -16.50
C LEU D 70 -11.30 45.06 -15.33
N THR D 71 -11.82 45.85 -14.38
CA THR D 71 -11.12 46.15 -13.14
C THR D 71 -12.08 45.94 -11.97
N VAL D 72 -11.51 45.71 -10.79
CA VAL D 72 -12.30 45.45 -9.59
C VAL D 72 -11.75 46.31 -8.45
N ASP D 73 -12.63 47.10 -7.82
CA ASP D 73 -12.34 47.76 -6.55
C ASP D 73 -12.96 46.89 -5.47
N LYS D 74 -12.10 46.10 -4.79
CA LYS D 74 -12.58 45.09 -3.85
C LYS D 74 -13.12 45.73 -2.57
N SER D 75 -12.62 46.92 -2.22
CA SER D 75 -13.02 47.57 -0.97
C SER D 75 -14.49 47.98 -0.99
N SER D 76 -14.97 48.47 -2.13
CA SER D 76 -16.35 48.89 -2.28
C SER D 76 -17.26 47.80 -2.85
N SER D 77 -16.72 46.59 -3.02
CA SER D 77 -17.45 45.42 -3.55
C SER D 77 -18.04 45.70 -4.94
N THR D 78 -17.21 46.26 -5.81
CA THR D 78 -17.64 46.66 -7.15
C THR D 78 -16.89 45.89 -8.21
N ALA D 79 -17.51 45.77 -9.38
CA ALA D 79 -16.87 45.24 -10.56
C ALA D 79 -17.04 46.24 -11.69
N TYR D 80 -15.94 46.63 -12.32
CA TYR D 80 -15.94 47.70 -13.31
C TYR D 80 -15.59 47.13 -14.68
N MET D 81 -16.08 47.81 -15.72
CA MET D 81 -15.61 47.57 -17.08
C MET D 81 -15.30 48.91 -17.72
N GLU D 82 -14.03 49.09 -18.11
CA GLU D 82 -13.62 50.28 -18.85
C GLU D 82 -13.70 49.96 -20.34
N LEU D 83 -14.89 50.17 -20.90
CA LEU D 83 -15.06 50.00 -22.33
C LEU D 83 -14.30 51.09 -23.07
N LEU D 84 -13.49 50.71 -24.04
CA LEU D 84 -12.61 51.64 -24.74
C LEU D 84 -12.87 51.56 -26.24
N SER D 85 -12.76 52.72 -26.90
CA SER D 85 -13.01 52.90 -28.32
C SER D 85 -14.42 52.42 -28.72
N LEU D 86 -15.42 53.08 -28.13
CA LEU D 86 -16.80 52.69 -28.35
C LEU D 86 -17.25 53.03 -29.77
N THR D 87 -18.13 52.20 -30.31
CA THR D 87 -18.69 52.32 -31.64
C THR D 87 -20.20 52.10 -31.50
N SER D 88 -20.96 52.46 -32.54
CA SER D 88 -22.41 52.24 -32.52
C SER D 88 -22.79 50.76 -32.45
N GLU D 89 -21.87 49.86 -32.80
CA GLU D 89 -22.07 48.43 -32.56
C GLU D 89 -22.14 48.09 -31.08
N ASP D 90 -21.52 48.90 -30.22
CA ASP D 90 -21.53 48.66 -28.78
C ASP D 90 -22.77 49.20 -28.09
N SER D 91 -23.74 49.72 -28.84
CA SER D 91 -25.00 50.20 -28.26
C SER D 91 -25.84 48.97 -27.88
N ALA D 92 -25.59 48.47 -26.68
CA ALA D 92 -26.17 47.20 -26.27
C ALA D 92 -26.26 47.17 -24.75
N VAL D 93 -26.97 46.16 -24.25
CA VAL D 93 -27.04 45.93 -22.81
C VAL D 93 -25.80 45.17 -22.38
N TYR D 94 -25.24 45.55 -21.22
CA TYR D 94 -24.00 44.95 -20.71
C TYR D 94 -24.24 44.45 -19.29
N TYR D 95 -24.63 43.18 -19.16
CA TYR D 95 -24.81 42.60 -17.84
C TYR D 95 -23.47 42.21 -17.24
N CYS D 96 -23.47 42.05 -15.91
CA CYS D 96 -22.41 41.37 -15.21
C CYS D 96 -23.04 40.19 -14.47
N ALA D 97 -22.38 39.05 -14.51
CA ALA D 97 -22.96 37.80 -14.06
C ALA D 97 -22.02 37.08 -13.10
N ARG D 98 -22.57 36.61 -11.98
CA ARG D 98 -21.79 35.90 -10.97
C ARG D 98 -21.80 34.42 -11.26
N SER D 99 -20.61 33.83 -11.40
CA SER D 99 -20.45 32.39 -11.36
C SER D 99 -19.63 32.01 -10.14
N GLY D 100 -19.35 30.73 -10.02
CA GLY D 100 -18.52 30.25 -8.94
C GLY D 100 -17.06 30.62 -9.15
N TYR D 101 -16.27 30.44 -8.09
CA TYR D 101 -14.84 30.70 -8.20
C TYR D 101 -14.15 29.64 -9.04
N TYR D 102 -14.47 28.37 -8.79
CA TYR D 102 -13.64 27.28 -9.28
C TYR D 102 -14.24 26.61 -10.51
N GLY D 103 -13.40 25.83 -11.19
CA GLY D 103 -13.72 25.30 -12.50
C GLY D 103 -14.87 24.33 -12.53
N ASP D 104 -15.21 23.73 -11.38
CA ASP D 104 -16.38 22.85 -11.34
C ASP D 104 -17.68 23.64 -11.33
N SER D 105 -17.63 24.94 -10.98
CA SER D 105 -18.87 25.71 -10.91
C SER D 105 -18.74 27.13 -11.43
N ASP D 106 -17.72 27.44 -12.23
CA ASP D 106 -17.62 28.78 -12.80
C ASP D 106 -18.26 28.90 -14.16
N TRP D 107 -18.82 27.82 -14.69
CA TRP D 107 -19.38 27.83 -16.04
C TRP D 107 -20.86 28.18 -16.07
N TYR D 108 -21.53 28.25 -14.92
CA TYR D 108 -22.92 28.66 -14.87
C TYR D 108 -23.04 30.00 -14.17
N PHE D 109 -23.71 30.94 -14.84
CA PHE D 109 -23.89 32.30 -14.32
C PHE D 109 -25.13 32.29 -13.44
N ASP D 110 -24.92 32.34 -12.13
CA ASP D 110 -26.01 32.13 -11.18
C ASP D 110 -26.99 33.30 -11.20
N VAL D 111 -26.51 34.50 -10.86
CA VAL D 111 -27.37 35.67 -10.83
C VAL D 111 -26.77 36.73 -11.76
N TRP D 112 -27.64 37.60 -12.26
CA TRP D 112 -27.29 38.57 -13.28
C TRP D 112 -27.71 39.97 -12.85
N GLY D 113 -27.03 40.96 -13.40
CA GLY D 113 -27.33 42.34 -13.09
C GLY D 113 -28.53 42.86 -13.86
N GLN D 114 -28.87 44.12 -13.60
CA GLN D 114 -30.01 44.74 -14.24
C GLN D 114 -29.73 45.00 -15.72
N GLY D 115 -28.60 45.61 -16.02
CA GLY D 115 -28.25 45.92 -17.40
C GLY D 115 -28.15 47.41 -17.70
N THR D 116 -26.96 47.85 -18.11
CA THR D 116 -26.74 49.24 -18.52
C THR D 116 -26.97 49.34 -20.02
N THR D 117 -28.02 50.06 -20.41
CA THR D 117 -28.25 50.31 -21.82
C THR D 117 -27.25 51.35 -22.31
N LEU D 118 -26.02 50.90 -22.59
CA LEU D 118 -24.93 51.79 -22.97
C LEU D 118 -25.17 52.26 -24.40
N THR D 119 -25.96 53.31 -24.55
CA THR D 119 -26.36 53.80 -25.87
C THR D 119 -25.22 54.60 -26.48
N VAL D 120 -24.88 54.28 -27.73
CA VAL D 120 -23.83 55.00 -28.44
C VAL D 120 -24.43 55.85 -29.54
N LEU E 1 13.58 4.61 18.21
CA LEU E 1 13.90 4.33 19.61
C LEU E 1 15.41 4.27 19.84
N ASP E 2 15.77 3.61 20.94
CA ASP E 2 17.14 3.48 21.39
C ASP E 2 17.91 4.81 21.52
N PRO E 3 17.60 5.63 22.51
CA PRO E 3 18.46 6.79 22.81
C PRO E 3 19.46 6.55 23.93
N LYS E 4 19.54 5.32 24.47
CA LYS E 4 20.41 5.00 25.59
C LYS E 4 21.70 4.29 25.17
N LEU E 5 21.86 4.00 23.88
CA LEU E 5 23.14 3.51 23.38
C LEU E 5 24.21 4.59 23.53
N CYS E 6 23.79 5.85 23.40
CA CYS E 6 24.69 6.97 23.62
C CYS E 6 25.19 7.00 25.06
N TYR E 7 24.31 6.74 26.02
CA TYR E 7 24.74 6.66 27.41
C TYR E 7 25.64 5.46 27.65
N LEU E 8 25.49 4.40 26.84
CA LEU E 8 26.36 3.24 26.97
C LEU E 8 27.78 3.57 26.51
N LEU E 9 27.93 4.23 25.36
CA LEU E 9 29.27 4.60 24.93
C LEU E 9 29.85 5.70 25.80
N ASP E 10 28.99 6.57 26.35
CA ASP E 10 29.46 7.57 27.31
C ASP E 10 29.94 6.91 28.60
N GLY E 11 29.28 5.82 29.02
CA GLY E 11 29.77 5.07 30.16
C GLY E 11 31.09 4.38 29.90
N ILE E 12 31.27 3.89 28.66
CA ILE E 12 32.56 3.29 28.28
C ILE E 12 33.68 4.34 28.33
N LEU E 13 33.40 5.53 27.78
CA LEU E 13 34.40 6.60 27.83
C LEU E 13 34.60 7.13 29.25
N PHE E 14 33.57 7.08 30.09
CA PHE E 14 33.73 7.47 31.48
C PHE E 14 34.57 6.46 32.25
N ILE E 15 34.45 5.18 31.91
CA ILE E 15 35.31 4.14 32.48
C ILE E 15 36.76 4.39 32.06
N TYR E 16 36.97 4.73 30.78
CA TYR E 16 38.31 5.08 30.31
C TYR E 16 38.87 6.32 31.02
N GLY E 17 38.03 7.34 31.21
CA GLY E 17 38.46 8.52 31.94
C GLY E 17 38.78 8.26 33.38
N VAL E 18 38.02 7.39 34.05
CA VAL E 18 38.30 7.16 35.46
C VAL E 18 39.49 6.22 35.65
N ILE E 19 39.74 5.29 34.71
CA ILE E 19 40.94 4.48 34.83
C ILE E 19 42.19 5.22 34.37
N LEU E 20 42.04 6.34 33.66
CA LEU E 20 43.17 7.26 33.55
C LEU E 20 43.30 8.19 34.74
N THR E 21 42.18 8.56 35.36
CA THR E 21 42.22 9.45 36.53
C THR E 21 42.91 8.76 37.71
N ALA E 22 42.60 7.48 37.93
CA ALA E 22 43.24 6.74 39.02
C ALA E 22 44.73 6.59 38.78
N LEU E 23 45.12 6.31 37.53
CA LEU E 23 46.53 6.21 37.19
C LEU E 23 47.25 7.55 37.35
N PHE E 24 46.59 8.64 36.94
CA PHE E 24 47.20 9.96 37.05
C PHE E 24 47.36 10.38 38.51
N LEU E 25 46.38 10.06 39.35
CA LEU E 25 46.50 10.37 40.78
C LEU E 25 47.54 9.48 41.45
N ARG E 26 47.68 8.23 41.01
CA ARG E 26 48.67 7.33 41.59
C ARG E 26 50.09 7.77 41.24
N VAL E 27 50.35 8.05 39.95
CA VAL E 27 51.70 8.41 39.53
C VAL E 27 52.02 9.87 39.83
N LYS E 28 50.99 10.71 40.06
CA LYS E 28 51.20 12.08 40.50
C LYS E 28 51.83 12.15 41.89
N PHE E 29 51.46 11.26 42.79
CA PHE E 29 52.00 11.26 44.15
C PHE E 29 53.47 10.84 44.18
N LEU F 1 16.16 16.39 22.76
CA LEU F 1 17.27 17.10 23.38
C LEU F 1 18.14 16.16 24.21
N ASP F 2 17.55 15.05 24.64
CA ASP F 2 18.30 14.06 25.40
C ASP F 2 19.46 13.43 24.63
N PRO F 3 19.33 12.99 23.35
CA PRO F 3 20.54 12.59 22.62
C PRO F 3 21.52 13.74 22.39
N LYS F 4 21.03 14.98 22.25
CA LYS F 4 21.95 16.09 22.01
C LYS F 4 22.76 16.43 23.25
N LEU F 5 22.13 16.42 24.43
CA LEU F 5 22.89 16.60 25.66
C LEU F 5 23.78 15.40 25.94
N CYS F 6 23.37 14.21 25.49
CA CYS F 6 24.25 13.05 25.58
C CYS F 6 25.48 13.21 24.68
N TYR F 7 25.32 13.81 23.51
CA TYR F 7 26.46 14.05 22.64
C TYR F 7 27.35 15.17 23.18
N LEU F 8 26.76 16.16 23.85
CA LEU F 8 27.57 17.16 24.55
C LEU F 8 28.39 16.52 25.67
N LEU F 9 27.78 15.61 26.42
CA LEU F 9 28.50 14.85 27.43
C LEU F 9 29.59 13.98 26.79
N ASP F 10 29.31 13.43 25.61
CA ASP F 10 30.30 12.67 24.87
C ASP F 10 31.49 13.53 24.47
N GLY F 11 31.23 14.75 24.01
CA GLY F 11 32.31 15.64 23.60
C GLY F 11 33.18 16.07 24.78
N ILE F 12 32.54 16.42 25.89
CA ILE F 12 33.33 16.82 27.06
C ILE F 12 34.06 15.62 27.67
N LEU F 13 33.51 14.41 27.52
CA LEU F 13 34.22 13.21 27.96
C LEU F 13 35.42 12.90 27.08
N PHE F 14 35.27 13.07 25.77
CA PHE F 14 36.41 12.95 24.86
C PHE F 14 37.51 13.94 25.23
N ILE F 15 37.15 15.21 25.41
CA ILE F 15 38.17 16.23 25.68
C ILE F 15 38.83 16.01 27.03
N TYR F 16 38.04 15.65 28.05
CA TYR F 16 38.58 15.40 29.39
C TYR F 16 39.50 14.19 29.39
N GLY F 17 39.09 13.11 28.74
CA GLY F 17 39.90 11.91 28.65
C GLY F 17 41.19 12.12 27.89
N VAL F 18 41.12 12.82 26.74
CA VAL F 18 42.28 13.15 25.93
C VAL F 18 43.28 14.03 26.67
N ILE F 19 42.79 15.09 27.32
CA ILE F 19 43.69 15.98 28.06
C ILE F 19 44.31 15.26 29.24
N LEU F 20 43.51 14.45 29.94
CA LEU F 20 44.02 13.77 31.13
C LEU F 20 45.04 12.69 30.77
N THR F 21 44.80 11.93 29.70
CA THR F 21 45.81 10.98 29.28
C THR F 21 47.00 11.63 28.61
N ALA F 22 46.85 12.84 28.05
CA ALA F 22 48.01 13.59 27.58
C ALA F 22 48.90 14.00 28.74
N LEU F 23 48.31 14.46 29.85
CA LEU F 23 49.09 14.75 31.05
C LEU F 23 49.71 13.48 31.64
N PHE F 24 48.96 12.37 31.64
CA PHE F 24 49.46 11.14 32.23
C PHE F 24 50.64 10.58 31.43
N LEU F 25 50.60 10.71 30.11
CA LEU F 25 51.78 10.36 29.33
C LEU F 25 52.85 11.44 29.36
N ARG F 26 52.52 12.67 29.75
CA ARG F 26 53.57 13.66 30.01
C ARG F 26 54.38 13.28 31.24
N VAL F 27 53.75 12.63 32.22
CA VAL F 27 54.47 12.18 33.41
C VAL F 27 55.52 11.12 33.07
N LYS F 28 55.20 10.20 32.14
CA LYS F 28 56.07 9.06 31.86
C LYS F 28 57.10 9.36 30.77
N PHE F 29 57.44 10.62 30.55
CA PHE F 29 58.45 10.96 29.53
C PHE F 29 59.85 10.54 29.96
N GLN G 1 1.07 -31.64 22.21
CA GLN G 1 0.36 -30.37 22.07
C GLN G 1 1.35 -29.21 22.00
N THR G 2 2.36 -29.37 21.16
CA THR G 2 3.39 -28.36 21.02
C THR G 2 2.83 -27.11 20.33
N PRO G 3 3.34 -25.93 20.67
CA PRO G 3 2.91 -24.71 19.97
C PRO G 3 3.47 -24.63 18.56
N TYR G 4 2.91 -23.75 17.74
CA TYR G 4 3.40 -23.55 16.38
C TYR G 4 4.60 -22.61 16.46
N LYS G 5 5.78 -23.13 16.14
CA LYS G 5 6.98 -22.30 16.08
C LYS G 5 6.92 -21.36 14.90
N VAL G 6 6.76 -20.07 15.16
CA VAL G 6 6.64 -19.05 14.12
C VAL G 6 8.03 -18.49 13.86
N SER G 7 8.60 -18.82 12.71
CA SER G 7 9.98 -18.45 12.40
C SER G 7 9.98 -17.24 11.47
N ILE G 8 9.89 -16.06 12.08
CA ILE G 8 9.99 -14.80 11.34
C ILE G 8 11.42 -14.59 10.90
N SER G 9 11.62 -14.33 9.60
CA SER G 9 12.97 -14.12 9.08
C SER G 9 12.89 -13.15 7.91
N GLY G 10 13.13 -11.87 8.21
CA GLY G 10 13.01 -10.85 7.18
C GLY G 10 11.57 -10.69 6.76
N THR G 11 11.34 -10.65 5.45
CA THR G 11 9.99 -10.63 4.90
C THR G 11 9.50 -12.04 4.56
N THR G 12 9.64 -12.95 5.51
CA THR G 12 9.29 -14.35 5.31
C THR G 12 8.89 -14.96 6.65
N VAL G 13 7.72 -15.60 6.68
CA VAL G 13 7.17 -16.21 7.88
C VAL G 13 7.09 -17.71 7.66
N ILE G 14 7.59 -18.48 8.63
CA ILE G 14 7.61 -19.94 8.55
C ILE G 14 6.82 -20.47 9.75
N LEU G 15 5.56 -20.81 9.54
CA LEU G 15 4.78 -21.50 10.55
C LEU G 15 5.06 -22.99 10.50
N THR G 16 5.05 -23.63 11.66
CA THR G 16 5.25 -25.07 11.75
C THR G 16 4.10 -25.70 12.52
N CYS G 17 3.81 -26.96 12.19
CA CYS G 17 2.80 -27.74 12.91
C CYS G 17 3.45 -29.06 13.34
N PRO G 18 4.13 -29.06 14.49
CA PRO G 18 4.72 -30.31 15.00
C PRO G 18 3.78 -31.13 15.88
N GLN G 19 2.49 -30.81 15.91
CA GLN G 19 1.57 -31.55 16.75
C GLN G 19 1.32 -32.95 16.20
N TYR G 20 1.23 -33.08 14.88
CA TYR G 20 0.96 -34.35 14.24
C TYR G 20 2.22 -34.86 13.55
N PRO G 21 2.89 -35.87 14.08
CA PRO G 21 4.11 -36.36 13.44
C PRO G 21 3.81 -37.34 12.30
N GLY G 22 4.50 -37.14 11.18
CA GLY G 22 4.41 -38.06 10.07
C GLY G 22 3.27 -37.78 9.09
N SER G 23 2.12 -37.36 9.60
CA SER G 23 0.96 -37.15 8.77
C SER G 23 1.12 -35.91 7.89
N GLU G 24 0.54 -35.97 6.69
CA GLU G 24 0.49 -34.79 5.83
C GLU G 24 -0.45 -33.76 6.42
N ILE G 25 0.04 -32.54 6.59
CA ILE G 25 -0.65 -31.51 7.36
C ILE G 25 -0.98 -30.36 6.42
N LEU G 26 -2.26 -30.00 6.35
CA LEU G 26 -2.73 -28.87 5.57
C LEU G 26 -2.95 -27.67 6.48
N TRP G 27 -3.07 -26.50 5.85
CA TRP G 27 -3.20 -25.23 6.56
C TRP G 27 -4.45 -24.50 6.12
N GLN G 28 -5.07 -23.80 7.07
CA GLN G 28 -6.25 -22.98 6.80
C GLN G 28 -6.10 -21.63 7.49
N HIS G 29 -6.38 -20.56 6.75
CA HIS G 29 -6.28 -19.20 7.27
C HIS G 29 -7.66 -18.55 7.26
N ASN G 30 -8.15 -18.17 8.44
CA ASN G 30 -9.43 -17.48 8.62
C ASN G 30 -10.59 -18.27 8.01
N ASP G 31 -10.55 -19.59 8.21
CA ASP G 31 -11.47 -20.57 7.62
C ASP G 31 -11.49 -20.52 6.10
N LYS G 32 -10.38 -20.09 5.48
CA LYS G 32 -10.21 -20.12 4.04
C LYS G 32 -9.01 -21.00 3.73
N ASN G 33 -9.15 -21.87 2.74
CA ASN G 33 -8.12 -22.84 2.43
C ASN G 33 -6.89 -22.16 1.84
N ILE G 34 -5.72 -22.48 2.40
CA ILE G 34 -4.44 -21.96 1.96
C ILE G 34 -3.46 -23.12 1.88
N GLY G 35 -2.25 -22.83 1.41
CA GLY G 35 -1.20 -23.82 1.39
C GLY G 35 -1.27 -24.73 0.18
N GLY G 36 -0.11 -25.10 -0.36
CA GLY G 36 -0.10 -25.90 -1.56
C GLY G 36 -0.49 -25.07 -2.77
N ASP G 37 -1.28 -25.68 -3.64
CA ASP G 37 -1.71 -25.01 -4.87
C ASP G 37 -2.77 -23.97 -4.54
N GLU G 38 -2.46 -22.70 -4.81
CA GLU G 38 -3.38 -21.61 -4.58
C GLU G 38 -3.23 -20.57 -5.69
N ASP G 39 -3.92 -19.44 -5.51
CA ASP G 39 -3.83 -18.35 -6.47
C ASP G 39 -2.44 -17.71 -6.46
N ASP G 40 -1.85 -17.53 -5.28
CA ASP G 40 -0.54 -16.91 -5.13
C ASP G 40 0.50 -17.95 -4.73
N LYS G 41 1.66 -17.88 -5.37
CA LYS G 41 2.76 -18.80 -5.09
C LYS G 41 3.67 -18.30 -3.98
N ASN G 42 3.30 -17.21 -3.30
CA ASN G 42 4.07 -16.71 -2.16
C ASN G 42 3.94 -17.60 -0.94
N ILE G 43 2.95 -18.49 -0.92
CA ILE G 43 2.67 -19.35 0.22
C ILE G 43 2.84 -20.80 -0.20
N GLY G 44 3.67 -21.54 0.53
CA GLY G 44 3.88 -22.95 0.25
C GLY G 44 3.97 -23.79 1.49
N SER G 45 3.11 -24.81 1.60
CA SER G 45 3.04 -25.64 2.80
C SER G 45 3.95 -26.86 2.64
N ASP G 46 5.24 -26.58 2.51
CA ASP G 46 6.22 -27.66 2.38
C ASP G 46 6.42 -28.34 3.73
N GLU G 47 6.17 -29.66 3.76
CA GLU G 47 6.12 -30.47 4.97
C GLU G 47 5.17 -29.86 6.00
N ASP G 48 5.72 -29.39 7.13
CA ASP G 48 4.96 -28.61 8.08
C ASP G 48 5.26 -27.12 8.00
N HIS G 49 6.23 -26.73 7.18
CA HIS G 49 6.72 -25.36 7.13
C HIS G 49 5.86 -24.57 6.15
N LEU G 50 4.88 -23.84 6.68
CA LEU G 50 4.03 -22.97 5.86
C LEU G 50 4.76 -21.65 5.62
N SER G 51 5.55 -21.63 4.55
CA SER G 51 6.30 -20.44 4.20
C SER G 51 5.36 -19.34 3.74
N LEU G 52 5.65 -18.10 4.14
CA LEU G 52 4.84 -16.93 3.76
C LEU G 52 5.80 -15.87 3.23
N LYS G 53 6.15 -15.96 1.96
CA LYS G 53 6.99 -14.95 1.35
C LYS G 53 6.20 -13.68 1.09
N GLU G 54 6.85 -12.53 1.33
CA GLU G 54 6.24 -11.20 1.25
C GLU G 54 4.98 -11.12 2.11
N PHE G 55 5.17 -11.32 3.41
CA PHE G 55 4.06 -11.36 4.35
C PHE G 55 3.45 -9.97 4.50
N SER G 56 2.13 -9.90 4.35
CA SER G 56 1.40 -8.66 4.56
C SER G 56 0.71 -8.74 5.92
N GLU G 57 0.81 -7.67 6.70
CA GLU G 57 0.30 -7.69 8.07
C GLU G 57 -1.22 -7.63 8.13
N LEU G 58 -1.89 -7.32 7.02
CA LEU G 58 -3.34 -7.13 7.04
C LEU G 58 -4.11 -8.20 6.27
N GLU G 59 -3.56 -8.75 5.19
CA GLU G 59 -4.32 -9.65 4.35
C GLU G 59 -3.82 -11.10 4.38
N GLN G 60 -2.56 -11.32 4.74
CA GLN G 60 -2.03 -12.67 4.90
C GLN G 60 -1.92 -13.07 6.37
N SER G 61 -2.54 -12.31 7.26
CA SER G 61 -2.43 -12.50 8.70
C SER G 61 -3.78 -12.87 9.29
N GLY G 62 -3.77 -13.15 10.59
CA GLY G 62 -4.98 -13.49 11.31
C GLY G 62 -4.98 -14.89 11.88
N TYR G 63 -6.07 -15.64 11.64
CA TYR G 63 -6.19 -17.00 12.15
C TYR G 63 -5.37 -17.95 11.29
N TYR G 64 -4.73 -18.92 11.95
CA TYR G 64 -4.07 -20.02 11.28
C TYR G 64 -4.33 -21.30 12.06
N VAL G 65 -4.65 -22.37 11.35
CA VAL G 65 -4.88 -23.67 11.96
C VAL G 65 -4.29 -24.75 11.06
N CYS G 66 -3.62 -25.72 11.67
CA CYS G 66 -3.12 -26.89 10.96
C CYS G 66 -4.02 -28.08 11.25
N TYR G 67 -4.28 -28.87 10.22
CA TYR G 67 -5.02 -30.10 10.39
C TYR G 67 -4.38 -31.17 9.51
N PRO G 68 -4.29 -32.41 9.97
CA PRO G 68 -3.69 -33.45 9.16
C PRO G 68 -4.61 -33.89 8.03
N ARG G 69 -4.04 -34.64 7.10
CA ARG G 69 -4.84 -35.18 6.00
C ARG G 69 -5.81 -36.23 6.53
N GLY G 70 -7.06 -36.12 6.13
CA GLY G 70 -8.11 -36.96 6.67
C GLY G 70 -8.76 -36.44 7.94
N SER G 71 -8.53 -35.18 8.29
CA SER G 71 -9.19 -34.54 9.42
C SER G 71 -9.81 -33.23 8.96
N LYS G 72 -11.00 -32.95 9.46
CA LYS G 72 -11.72 -31.78 9.02
C LYS G 72 -11.15 -30.52 9.66
N PRO G 73 -11.22 -29.38 8.98
CA PRO G 73 -10.84 -28.11 9.63
C PRO G 73 -11.75 -27.76 10.79
N GLU G 74 -13.02 -28.15 10.75
CA GLU G 74 -13.93 -27.88 11.85
C GLU G 74 -13.67 -28.79 13.04
N ASP G 75 -12.98 -29.91 12.81
CA ASP G 75 -12.65 -30.81 13.92
C ASP G 75 -11.58 -30.21 14.83
N ALA G 76 -10.65 -29.45 14.26
CA ALA G 76 -9.56 -28.89 15.03
C ALA G 76 -10.04 -27.76 15.92
N ASN G 77 -9.57 -27.75 17.17
CA ASN G 77 -9.93 -26.74 18.15
C ASN G 77 -8.69 -26.09 18.74
N PHE G 78 -7.62 -26.01 17.95
CA PHE G 78 -6.35 -25.47 18.42
C PHE G 78 -5.82 -24.52 17.34
N TYR G 79 -6.21 -23.26 17.42
CA TYR G 79 -5.90 -22.28 16.40
C TYR G 79 -4.70 -21.44 16.81
N LEU G 80 -4.16 -20.70 15.84
CA LEU G 80 -3.17 -19.67 16.07
C LEU G 80 -3.72 -18.34 15.57
N TYR G 81 -3.40 -17.26 16.28
CA TYR G 81 -3.66 -15.91 15.82
C TYR G 81 -2.32 -15.22 15.59
N LEU G 82 -2.05 -14.82 14.36
CA LEU G 82 -0.78 -14.24 13.96
C LEU G 82 -0.96 -12.77 13.64
N ARG G 83 -0.18 -11.92 14.29
CA ARG G 83 0.09 -10.56 13.82
C ARG G 83 1.59 -10.36 13.87
N ALA G 84 2.18 -9.96 12.76
CA ALA G 84 3.63 -9.82 12.69
C ALA G 84 3.98 -8.81 11.62
N ARG G 85 4.35 -7.59 12.03
CA ARG G 85 4.75 -6.55 11.09
C ARG G 85 6.16 -6.87 10.61
N VAL G 86 6.23 -7.69 9.57
CA VAL G 86 7.53 -8.04 9.01
C VAL G 86 8.09 -6.88 8.20
N CYS G 87 9.37 -6.99 7.86
CA CYS G 87 10.15 -5.89 7.32
C CYS G 87 11.36 -6.44 6.58
N GLU G 88 11.77 -5.73 5.54
CA GLU G 88 12.86 -6.19 4.67
C GLU G 88 14.19 -6.10 5.40
N ASN G 89 14.99 -7.18 5.27
CA ASN G 89 16.30 -7.45 5.89
C ASN G 89 16.43 -6.91 7.31
N CYS G 90 15.49 -7.30 8.16
CA CYS G 90 15.12 -6.54 9.34
C CYS G 90 15.10 -7.43 10.58
N MET G 91 16.17 -7.36 11.36
CA MET G 91 16.28 -8.12 12.60
C MET G 91 15.51 -7.39 13.71
N GLU G 92 15.36 -8.07 14.85
CA GLU G 92 14.77 -7.48 16.04
C GLU G 92 15.73 -7.68 17.20
N MET G 93 16.19 -6.59 17.80
CA MET G 93 17.18 -6.68 18.88
C MET G 93 16.92 -5.60 19.92
N ASP G 94 17.07 -5.98 21.19
CA ASP G 94 16.89 -5.06 22.29
C ASP G 94 18.19 -4.29 22.55
N VAL G 95 18.18 -3.48 23.61
CA VAL G 95 19.37 -2.73 23.99
C VAL G 95 20.42 -3.66 24.58
N MET G 96 20.00 -4.79 25.15
CA MET G 96 20.94 -5.74 25.76
C MET G 96 21.81 -6.41 24.71
N SER G 97 21.26 -6.68 23.52
CA SER G 97 22.07 -7.28 22.46
C SER G 97 23.11 -6.31 21.93
N VAL G 98 22.76 -5.02 21.83
CA VAL G 98 23.73 -4.02 21.40
C VAL G 98 24.80 -3.82 22.47
N ALA G 99 24.40 -3.88 23.74
CA ALA G 99 25.38 -3.85 24.83
C ALA G 99 26.30 -5.06 24.77
N THR G 100 25.76 -6.23 24.42
CA THR G 100 26.55 -7.43 24.29
C THR G 100 27.57 -7.29 23.16
N ILE G 101 27.15 -6.76 22.01
CA ILE G 101 28.07 -6.69 20.88
C ILE G 101 29.14 -5.62 21.10
N VAL G 102 28.81 -4.51 21.78
CA VAL G 102 29.85 -3.51 22.06
C VAL G 102 30.83 -4.02 23.12
N ILE G 103 30.33 -4.80 24.09
CA ILE G 103 31.23 -5.39 25.10
C ILE G 103 32.14 -6.42 24.46
N VAL G 104 31.61 -7.25 23.55
CA VAL G 104 32.45 -8.20 22.82
C VAL G 104 33.48 -7.48 21.96
N ASP G 105 33.09 -6.38 21.31
CA ASP G 105 34.03 -5.65 20.45
C ASP G 105 35.16 -5.02 21.25
N ILE G 106 34.83 -4.37 22.38
CA ILE G 106 35.90 -3.76 23.19
C ILE G 106 36.76 -4.83 23.85
N CYS G 107 36.18 -5.99 24.20
CA CYS G 107 36.97 -7.05 24.82
C CYS G 107 37.92 -7.70 23.82
N ILE G 108 37.47 -7.94 22.59
CA ILE G 108 38.39 -8.53 21.62
C ILE G 108 39.38 -7.49 21.12
N THR G 109 39.03 -6.20 21.16
CA THR G 109 40.01 -5.15 20.87
C THR G 109 41.14 -5.16 21.90
N GLY G 110 40.79 -5.21 23.19
CA GLY G 110 41.82 -5.28 24.23
C GLY G 110 42.62 -6.57 24.18
N GLY G 111 41.94 -7.70 23.93
CA GLY G 111 42.62 -8.98 23.83
C GLY G 111 43.49 -9.12 22.62
N LEU G 112 43.24 -8.34 21.56
CA LEU G 112 44.15 -8.34 20.43
C LEU G 112 45.28 -7.35 20.62
N LEU G 113 45.04 -6.22 21.31
CA LEU G 113 46.11 -5.28 21.60
C LEU G 113 47.14 -5.90 22.53
N LEU G 114 46.70 -6.64 23.55
CA LEU G 114 47.64 -7.29 24.46
C LEU G 114 48.44 -8.37 23.74
N LEU G 115 47.80 -9.09 22.82
CA LEU G 115 48.48 -10.12 22.04
C LEU G 115 49.54 -9.51 21.12
N VAL G 116 49.20 -8.40 20.46
CA VAL G 116 50.16 -7.74 19.58
C VAL G 116 51.31 -7.13 20.39
N TYR G 117 50.99 -6.59 21.57
CA TYR G 117 52.02 -6.04 22.46
C TYR G 117 52.99 -7.12 22.92
N TYR G 118 52.48 -8.31 23.26
CA TYR G 118 53.37 -9.39 23.70
C TYR G 118 54.18 -9.97 22.55
N TRP G 119 53.57 -10.09 21.36
CA TRP G 119 54.33 -10.56 20.20
C TRP G 119 55.34 -9.53 19.72
N SER G 120 55.16 -8.25 20.05
CA SER G 120 56.19 -7.24 19.83
C SER G 120 57.27 -7.27 20.90
N LYS G 121 56.89 -7.61 22.14
CA LYS G 121 57.89 -7.77 23.20
C LYS G 121 58.83 -8.94 22.91
N ASN G 122 58.28 -10.04 22.40
CA ASN G 122 59.12 -11.19 22.07
C ASN G 122 60.05 -10.89 20.91
N ARG G 123 59.55 -10.23 19.87
CA ARG G 123 60.37 -9.85 18.73
C ARG G 123 59.78 -8.64 18.02
N GLN H 1 3.65 18.33 -21.28
CA GLN H 1 3.42 17.81 -19.94
C GLN H 1 4.65 17.98 -19.06
N THR H 2 4.96 19.21 -18.71
CA THR H 2 6.05 19.47 -17.79
C THR H 2 5.62 19.03 -16.38
N PRO H 3 6.47 18.29 -15.66
CA PRO H 3 6.09 17.85 -14.31
C PRO H 3 5.97 19.03 -13.34
N TYR H 4 5.13 18.85 -12.33
CA TYR H 4 4.88 19.90 -11.35
C TYR H 4 6.09 20.04 -10.45
N LYS H 5 6.95 21.02 -10.72
CA LYS H 5 8.12 21.21 -9.87
C LYS H 5 7.69 21.75 -8.51
N VAL H 6 8.26 21.17 -7.45
CA VAL H 6 7.88 21.46 -6.08
C VAL H 6 9.10 21.95 -5.33
N SER H 7 8.95 23.06 -4.60
CA SER H 7 10.03 23.65 -3.81
C SER H 7 9.58 23.72 -2.36
N ILE H 8 10.04 22.78 -1.55
CA ILE H 8 9.73 22.74 -0.13
C ILE H 8 10.88 23.35 0.65
N SER H 9 10.57 24.32 1.50
CA SER H 9 11.56 24.93 2.37
C SER H 9 10.96 25.12 3.76
N GLY H 10 11.57 24.49 4.76
CA GLY H 10 11.09 24.60 6.12
C GLY H 10 9.78 23.88 6.34
N THR H 11 8.70 24.64 6.52
CA THR H 11 7.37 24.09 6.70
C THR H 11 6.39 24.58 5.64
N THR H 12 6.89 25.24 4.60
CA THR H 12 6.05 25.74 3.52
C THR H 12 6.38 24.99 2.23
N VAL H 13 5.35 24.68 1.45
CA VAL H 13 5.49 23.99 0.17
C VAL H 13 4.91 24.88 -0.93
N ILE H 14 5.64 25.01 -2.03
CA ILE H 14 5.28 25.92 -3.12
C ILE H 14 5.12 25.06 -4.37
N LEU H 15 3.88 24.68 -4.67
CA LEU H 15 3.56 23.79 -5.78
C LEU H 15 3.47 24.61 -7.06
N THR H 16 4.45 24.45 -7.93
CA THR H 16 4.45 25.16 -9.20
C THR H 16 3.87 24.26 -10.29
N CYS H 17 3.04 24.84 -11.15
CA CYS H 17 2.41 24.16 -12.27
C CYS H 17 2.98 24.75 -13.56
N PRO H 18 4.05 24.15 -14.09
CA PRO H 18 4.76 24.80 -15.22
C PRO H 18 3.98 24.83 -16.52
N GLN H 19 3.01 23.94 -16.72
CA GLN H 19 2.17 24.07 -17.90
C GLN H 19 1.02 25.05 -17.62
N TYR H 20 0.13 25.20 -18.61
CA TYR H 20 -0.92 26.21 -18.69
C TYR H 20 -0.34 27.61 -18.53
N PRO H 21 0.42 28.11 -19.50
CA PRO H 21 1.02 29.44 -19.35
C PRO H 21 0.04 30.55 -19.66
N GLY H 22 0.31 31.72 -19.08
CA GLY H 22 -0.49 32.91 -19.35
C GLY H 22 -1.85 33.00 -18.69
N SER H 23 -2.65 31.94 -18.78
CA SER H 23 -3.99 31.94 -18.19
C SER H 23 -3.92 31.84 -16.68
N GLU H 24 -5.04 32.17 -16.04
CA GLU H 24 -5.16 31.98 -14.60
C GLU H 24 -5.13 30.49 -14.28
N ILE H 25 -4.40 30.13 -13.23
CA ILE H 25 -4.26 28.75 -12.81
C ILE H 25 -4.93 28.60 -11.44
N LEU H 26 -5.87 27.67 -11.34
CA LEU H 26 -6.50 27.36 -10.08
C LEU H 26 -5.89 26.08 -9.52
N TRP H 27 -6.44 25.58 -8.42
CA TRP H 27 -5.88 24.39 -7.79
C TRP H 27 -7.00 23.55 -7.21
N GLN H 28 -6.70 22.27 -6.98
CA GLN H 28 -7.65 21.34 -6.38
C GLN H 28 -6.89 20.36 -5.49
N HIS H 29 -7.54 19.89 -4.43
CA HIS H 29 -6.90 19.08 -3.40
C HIS H 29 -7.88 18.04 -2.89
N ASN H 30 -7.57 16.76 -3.10
CA ASN H 30 -8.44 15.62 -2.74
C ASN H 30 -9.83 15.78 -3.34
N ASP H 31 -9.87 16.19 -4.61
CA ASP H 31 -11.07 16.56 -5.36
C ASP H 31 -11.87 17.67 -4.69
N LYS H 32 -11.23 18.50 -3.87
CA LYS H 32 -11.84 19.67 -3.27
C LYS H 32 -11.00 20.89 -3.64
N ASN H 33 -11.67 22.00 -3.93
CA ASN H 33 -11.00 23.16 -4.50
C ASN H 33 -10.41 24.04 -3.41
N ILE H 34 -9.12 24.34 -3.54
CA ILE H 34 -8.46 25.35 -2.73
C ILE H 34 -7.63 26.22 -3.66
N GLY H 35 -7.14 27.34 -3.13
CA GLY H 35 -6.37 28.28 -3.92
C GLY H 35 -7.09 29.59 -4.08
N GLY H 36 -7.92 29.93 -3.11
CA GLY H 36 -8.67 31.16 -3.14
C GLY H 36 -9.06 31.58 -1.74
N ASP H 37 -10.10 32.41 -1.67
CA ASP H 37 -10.60 32.85 -0.37
C ASP H 37 -11.35 31.72 0.31
N GLU H 38 -10.96 31.40 1.54
CA GLU H 38 -11.56 30.31 2.28
C GLU H 38 -11.39 30.60 3.77
N ASP H 39 -11.65 29.59 4.60
CA ASP H 39 -11.57 29.76 6.05
C ASP H 39 -10.12 29.91 6.51
N ASP H 40 -9.20 29.18 5.89
CA ASP H 40 -7.80 29.20 6.28
C ASP H 40 -7.00 30.10 5.35
N LYS H 41 -6.29 31.07 5.92
CA LYS H 41 -5.42 31.96 5.16
C LYS H 41 -4.02 31.39 5.00
N ASN H 42 -3.76 30.18 5.53
CA ASN H 42 -2.45 29.57 5.39
C ASN H 42 -2.18 29.15 3.95
N ILE H 43 -3.17 28.54 3.29
CA ILE H 43 -3.02 28.07 1.92
C ILE H 43 -3.26 29.23 0.97
N GLY H 44 -2.18 29.87 0.53
CA GLY H 44 -2.27 30.96 -0.41
C GLY H 44 -2.36 30.46 -1.83
N SER H 45 -2.26 31.40 -2.77
CA SER H 45 -2.20 31.07 -4.18
C SER H 45 -1.49 32.21 -4.89
N ASP H 46 -1.08 31.94 -6.12
CA ASP H 46 -0.38 32.95 -6.92
C ASP H 46 -0.71 32.72 -8.38
N GLU H 47 0.04 33.39 -9.26
CA GLU H 47 -0.18 33.24 -10.69
C GLU H 47 0.32 31.89 -11.19
N ASP H 48 1.19 31.24 -10.44
CA ASP H 48 1.75 29.96 -10.84
C ASP H 48 1.86 28.99 -9.67
N HIS H 49 1.71 29.46 -8.44
CA HIS H 49 2.05 28.68 -7.26
C HIS H 49 0.84 28.47 -6.35
N LEU H 50 0.95 27.47 -5.50
CA LEU H 50 0.00 27.22 -4.41
C LEU H 50 0.86 27.06 -3.17
N SER H 51 1.10 28.17 -2.49
CA SER H 51 2.00 28.19 -1.34
C SER H 51 1.22 27.79 -0.09
N LEU H 52 1.42 26.55 0.37
CA LEU H 52 0.78 26.09 1.59
C LEU H 52 1.71 26.37 2.77
N LYS H 53 1.61 27.60 3.28
CA LYS H 53 2.35 27.96 4.48
C LYS H 53 1.78 27.20 5.67
N GLU H 54 2.68 26.83 6.59
CA GLU H 54 2.39 25.94 7.71
C GLU H 54 1.74 24.64 7.23
N PHE H 55 2.47 23.92 6.37
CA PHE H 55 1.98 22.70 5.77
C PHE H 55 1.86 21.60 6.81
N SER H 56 0.68 20.99 6.89
CA SER H 56 0.41 19.95 7.87
C SER H 56 1.00 18.62 7.40
N GLU H 57 1.10 17.68 8.33
CA GLU H 57 1.66 16.38 8.02
C GLU H 57 0.75 15.59 7.08
N LEU H 58 -0.53 15.48 7.43
CA LEU H 58 -1.49 14.74 6.64
C LEU H 58 -2.78 15.48 6.36
N GLU H 59 -3.05 16.59 7.06
CA GLU H 59 -4.30 17.31 6.85
C GLU H 59 -4.31 18.08 5.54
N GLN H 60 -3.15 18.27 4.91
CA GLN H 60 -3.05 19.00 3.66
C GLN H 60 -2.33 18.20 2.60
N SER H 61 -2.31 16.87 2.73
CA SER H 61 -1.62 16.00 1.81
C SER H 61 -2.62 15.18 1.00
N GLY H 62 -2.42 15.14 -0.31
CA GLY H 62 -3.32 14.40 -1.17
C GLY H 62 -3.01 14.57 -2.66
N TYR H 63 -4.05 14.70 -3.47
CA TYR H 63 -3.90 14.85 -4.92
C TYR H 63 -4.00 16.32 -5.27
N TYR H 64 -2.90 16.91 -5.72
CA TYR H 64 -2.83 18.33 -6.00
C TYR H 64 -2.74 18.53 -7.51
N VAL H 65 -3.77 19.16 -8.08
CA VAL H 65 -3.86 19.35 -9.52
C VAL H 65 -4.19 20.80 -9.84
N CYS H 66 -3.44 21.37 -10.77
CA CYS H 66 -3.72 22.67 -11.34
C CYS H 66 -4.60 22.50 -12.56
N TYR H 67 -5.51 23.44 -12.77
CA TYR H 67 -6.23 23.52 -14.03
C TYR H 67 -6.42 24.98 -14.40
N PRO H 68 -6.39 25.32 -15.68
CA PRO H 68 -6.55 26.71 -16.08
C PRO H 68 -7.98 27.17 -15.89
N ARG H 69 -8.17 28.49 -15.97
CA ARG H 69 -9.50 29.06 -15.86
C ARG H 69 -10.33 28.67 -17.07
N GLY H 70 -11.51 28.12 -16.81
CA GLY H 70 -12.37 27.63 -17.86
C GLY H 70 -12.35 26.12 -17.98
N SER H 71 -11.18 25.52 -17.86
CA SER H 71 -11.07 24.08 -17.93
C SER H 71 -11.60 23.43 -16.66
N LYS H 72 -12.16 22.24 -16.81
CA LYS H 72 -12.72 21.51 -15.68
C LYS H 72 -11.60 20.84 -14.88
N PRO H 73 -11.86 20.53 -13.61
CA PRO H 73 -10.84 19.83 -12.80
C PRO H 73 -10.41 18.48 -13.36
N GLU H 74 -11.33 17.70 -13.92
CA GLU H 74 -10.95 16.46 -14.55
C GLU H 74 -10.46 16.65 -15.99
N ASP H 75 -10.57 17.87 -16.53
CA ASP H 75 -10.00 18.13 -17.84
C ASP H 75 -8.52 18.47 -17.79
N ALA H 76 -7.93 18.52 -16.60
CA ALA H 76 -6.50 18.80 -16.48
C ALA H 76 -5.67 17.61 -16.98
N ASN H 77 -4.50 17.92 -17.54
CA ASN H 77 -3.72 16.93 -18.28
C ASN H 77 -2.74 16.18 -17.40
N PHE H 78 -2.78 16.37 -16.09
CA PHE H 78 -1.69 15.92 -15.22
C PHE H 78 -2.23 15.89 -13.79
N TYR H 79 -1.63 15.03 -12.97
CA TYR H 79 -1.93 14.98 -11.53
C TYR H 79 -0.64 14.99 -10.74
N LEU H 80 -0.74 15.27 -9.45
CA LEU H 80 0.35 15.06 -8.50
C LEU H 80 -0.18 14.61 -7.15
N TYR H 81 0.45 13.58 -6.60
CA TYR H 81 0.20 13.09 -5.25
C TYR H 81 1.36 13.54 -4.37
N LEU H 82 1.06 14.38 -3.37
CA LEU H 82 2.09 14.95 -2.50
C LEU H 82 1.89 14.42 -1.09
N ARG H 83 2.94 13.82 -0.54
CA ARG H 83 2.99 13.46 0.88
C ARG H 83 4.42 13.68 1.35
N ALA H 84 4.63 14.77 2.09
CA ALA H 84 5.95 15.19 2.49
C ALA H 84 5.98 15.44 3.99
N ARG H 85 7.18 15.37 4.56
CA ARG H 85 7.41 15.69 5.96
C ARG H 85 8.00 17.08 6.09
N VAL H 86 7.61 17.78 7.15
CA VAL H 86 8.02 19.15 7.38
C VAL H 86 8.66 19.27 8.75
N CYS H 87 9.37 20.38 8.95
CA CYS H 87 10.04 20.66 10.21
C CYS H 87 9.97 22.15 10.48
N GLU H 88 10.71 22.55 11.51
CA GLU H 88 11.20 23.93 11.64
C GLU H 88 12.67 23.90 11.26
N ASN H 89 12.97 24.39 10.04
CA ASN H 89 14.31 24.48 9.48
C ASN H 89 14.98 23.10 9.33
N CYS H 90 14.33 22.25 8.54
CA CYS H 90 14.98 21.06 8.00
C CYS H 90 15.50 21.34 6.60
N MET H 91 16.66 20.79 6.29
CA MET H 91 17.19 20.81 4.93
C MET H 91 17.48 19.38 4.49
N GLU H 92 17.23 19.09 3.21
CA GLU H 92 17.42 17.75 2.70
C GLU H 92 18.90 17.56 2.35
N MET H 93 19.59 16.76 3.15
CA MET H 93 21.01 16.49 2.94
C MET H 93 21.13 15.38 1.91
N ASP H 94 20.97 15.74 0.64
CA ASP H 94 21.17 14.81 -0.46
C ASP H 94 22.66 14.58 -0.68
N VAL H 95 22.96 13.69 -1.63
CA VAL H 95 24.33 13.20 -1.83
C VAL H 95 25.25 14.32 -2.32
N MET H 96 24.72 15.24 -3.12
CA MET H 96 25.51 16.36 -3.60
C MET H 96 25.88 17.31 -2.45
N SER H 97 24.91 17.64 -1.60
CA SER H 97 25.18 18.56 -0.49
C SER H 97 26.07 17.91 0.56
N VAL H 98 25.86 16.62 0.84
CA VAL H 98 26.70 15.89 1.79
C VAL H 98 28.14 15.80 1.27
N ALA H 99 28.30 15.49 -0.02
CA ALA H 99 29.63 15.42 -0.62
C ALA H 99 30.30 16.79 -0.64
N THR H 100 29.53 17.85 -0.89
CA THR H 100 30.09 19.20 -0.88
C THR H 100 30.52 19.60 0.53
N ILE H 101 29.70 19.28 1.54
CA ILE H 101 30.05 19.58 2.93
C ILE H 101 31.31 18.83 3.34
N VAL H 102 31.40 17.55 2.95
CA VAL H 102 32.57 16.73 3.30
C VAL H 102 33.83 17.25 2.60
N ILE H 103 33.73 17.62 1.33
CA ILE H 103 34.92 18.08 0.61
C ILE H 103 35.35 19.47 1.09
N VAL H 104 34.39 20.33 1.46
CA VAL H 104 34.72 21.64 1.99
C VAL H 104 35.40 21.51 3.35
N ASP H 105 34.87 20.63 4.20
CA ASP H 105 35.47 20.45 5.52
C ASP H 105 36.82 19.74 5.44
N ILE H 106 37.01 18.83 4.49
CA ILE H 106 38.31 18.18 4.38
C ILE H 106 39.35 19.12 3.80
N CYS H 107 38.94 20.04 2.90
CA CYS H 107 39.88 21.05 2.41
C CYS H 107 40.20 22.07 3.50
N ILE H 108 39.20 22.42 4.31
CA ILE H 108 39.42 23.31 5.45
C ILE H 108 40.38 22.68 6.45
N THR H 109 40.18 21.39 6.74
CA THR H 109 41.04 20.70 7.69
C THR H 109 42.47 20.57 7.15
N GLY H 110 42.61 20.27 5.87
CA GLY H 110 43.95 20.20 5.28
C GLY H 110 44.68 21.53 5.29
N GLY H 111 43.97 22.61 4.94
CA GLY H 111 44.58 23.92 4.95
C GLY H 111 44.95 24.40 6.35
N LEU H 112 44.05 24.17 7.31
CA LEU H 112 44.35 24.53 8.70
C LEU H 112 45.49 23.72 9.28
N LEU H 113 45.56 22.42 8.97
CA LEU H 113 46.66 21.61 9.48
C LEU H 113 47.98 21.99 8.82
N LEU H 114 47.96 22.34 7.54
CA LEU H 114 49.17 22.83 6.88
C LEU H 114 49.65 24.15 7.48
N LEU H 115 48.71 25.08 7.73
CA LEU H 115 49.08 26.36 8.33
C LEU H 115 49.59 26.19 9.76
N VAL H 116 48.94 25.31 10.53
CA VAL H 116 49.37 25.05 11.90
C VAL H 116 50.74 24.38 11.91
N TYR H 117 50.98 23.48 10.96
CA TYR H 117 52.30 22.87 10.83
C TYR H 117 53.36 23.91 10.48
N TYR H 118 53.01 24.87 9.61
CA TYR H 118 53.95 25.92 9.22
C TYR H 118 54.32 26.80 10.40
N TRP H 119 53.33 27.33 11.13
CA TRP H 119 53.70 28.25 12.21
C TRP H 119 54.20 27.50 13.45
N SER H 120 53.93 26.20 13.56
CA SER H 120 54.53 25.43 14.65
C SER H 120 55.99 25.11 14.35
N LYS H 121 56.30 24.84 13.08
CA LYS H 121 57.69 24.63 12.69
C LYS H 121 58.48 25.93 12.76
N ASN H 122 57.81 27.06 12.49
CA ASN H 122 58.50 28.35 12.49
C ASN H 122 58.92 28.77 13.90
N ARG H 123 58.07 28.53 14.89
CA ARG H 123 58.42 28.87 16.27
C ARG H 123 59.21 27.75 16.93
N HIS I 1 9.91 4.14 9.19
CA HIS I 1 9.73 4.93 10.40
C HIS I 1 10.70 4.48 11.50
N THR I 2 10.15 3.98 12.62
CA THR I 2 10.97 3.68 13.79
C THR I 2 11.95 2.54 13.54
N GLU I 3 11.61 1.65 12.61
CA GLU I 3 12.51 0.58 12.25
C GLU I 3 13.72 1.07 11.45
N LYS I 4 13.66 2.28 10.91
CA LYS I 4 14.84 2.92 10.34
C LYS I 4 15.50 3.89 11.30
N VAL I 5 14.73 4.47 12.23
CA VAL I 5 15.29 5.31 13.28
C VAL I 5 16.23 4.49 14.16
N ASN I 6 15.83 3.26 14.49
CA ASN I 6 16.67 2.40 15.31
C ASN I 6 17.95 2.01 14.58
N MET I 7 17.87 1.74 13.27
CA MET I 7 19.07 1.44 12.51
C MET I 7 19.98 2.66 12.41
N MET I 8 19.39 3.86 12.33
CA MET I 8 20.19 5.07 12.36
C MET I 8 20.90 5.22 13.71
N SER I 9 20.20 4.89 14.80
CA SER I 9 20.81 4.94 16.12
C SER I 9 21.97 3.96 16.25
N LEU I 10 21.80 2.74 15.73
CA LEU I 10 22.89 1.76 15.76
C LEU I 10 24.06 2.18 14.87
N THR I 11 23.81 2.79 13.71
CA THR I 11 24.95 3.17 12.89
C THR I 11 25.64 4.42 13.44
N VAL I 12 24.92 5.28 14.17
CA VAL I 12 25.57 6.34 14.93
C VAL I 12 26.45 5.76 16.04
N LEU I 13 25.95 4.74 16.74
CA LEU I 13 26.77 4.11 17.78
C LEU I 13 27.99 3.41 17.19
N GLY I 14 27.83 2.76 16.04
CA GLY I 14 28.97 2.14 15.39
C GLY I 14 29.99 3.14 14.89
N LEU I 15 29.51 4.26 14.35
CA LEU I 15 30.41 5.34 13.96
C LEU I 15 31.12 5.94 15.16
N ARG I 16 30.47 5.97 16.32
CA ARG I 16 31.12 6.52 17.51
C ARG I 16 32.11 5.54 18.12
N MET I 17 31.82 4.24 18.06
CA MET I 17 32.81 3.24 18.45
C MET I 17 34.05 3.35 17.58
N LEU I 18 33.85 3.47 16.28
CA LEU I 18 34.98 3.58 15.38
C LEU I 18 35.66 4.94 15.52
N PHE I 19 34.93 5.96 15.95
CA PHE I 19 35.55 7.23 16.27
C PHE I 19 36.44 7.14 17.50
N ALA I 20 36.00 6.41 18.52
CA ALA I 20 36.85 6.20 19.69
C ALA I 20 38.09 5.41 19.34
N LYS I 21 37.94 4.41 18.45
CA LYS I 21 39.09 3.66 17.96
C LYS I 21 40.05 4.56 17.18
N THR I 22 39.53 5.46 16.33
CA THR I 22 40.44 6.28 15.55
C THR I 22 41.06 7.42 16.37
N VAL I 23 40.36 7.92 17.40
CA VAL I 23 40.99 8.84 18.34
C VAL I 23 42.11 8.14 19.11
N ALA I 24 41.88 6.89 19.52
CA ALA I 24 42.91 6.12 20.20
C ALA I 24 44.12 5.88 19.31
N VAL I 25 43.89 5.56 18.03
CA VAL I 25 45.03 5.29 17.15
C VAL I 25 45.78 6.57 16.82
N ASN I 26 45.07 7.72 16.72
CA ASN I 26 45.77 8.97 16.48
C ASN I 26 46.57 9.40 17.70
N PHE I 27 46.02 9.21 18.90
CA PHE I 27 46.73 9.52 20.14
C PHE I 27 47.98 8.66 20.28
N LEU I 28 47.85 7.35 20.04
CA LEU I 28 49.00 6.47 20.19
C LEU I 28 50.07 6.74 19.13
N LEU I 29 49.65 7.02 17.89
CA LEU I 29 50.62 7.33 16.85
C LEU I 29 51.35 8.63 17.12
N THR I 30 50.64 9.65 17.64
CA THR I 30 51.30 10.91 17.96
C THR I 30 52.25 10.75 19.15
N ALA I 31 51.84 9.99 20.16
CA ALA I 31 52.70 9.78 21.32
C ALA I 31 53.95 8.98 20.96
N LYS I 32 53.81 7.96 20.11
CA LYS I 32 54.98 7.19 19.70
C LYS I 32 55.84 7.95 18.71
N LEU I 33 55.24 8.90 17.98
CA LEU I 33 56.03 9.78 17.14
C LEU I 33 56.86 10.74 17.99
N PHE I 34 56.29 11.21 19.11
CA PHE I 34 57.08 12.03 20.01
C PHE I 34 58.12 11.21 20.75
N PHE I 35 57.88 9.92 20.94
CA PHE I 35 58.84 9.05 21.59
C PHE I 35 59.80 8.46 20.57
N THR J 1 8.91 11.23 17.62
CA THR J 1 10.10 10.48 17.26
C THR J 1 10.81 11.10 16.07
N LEU J 2 10.22 12.15 15.51
CA LEU J 2 10.81 12.79 14.34
C LEU J 2 12.07 13.56 14.73
N LEU J 3 12.02 14.32 15.81
CA LEU J 3 13.17 15.11 16.24
C LEU J 3 14.34 14.22 16.67
N LEU J 4 14.03 13.04 17.20
CA LEU J 4 15.08 12.07 17.50
C LEU J 4 15.76 11.59 16.22
N GLN J 5 15.00 11.38 15.15
CA GLN J 5 15.59 11.03 13.87
C GLN J 5 16.42 12.18 13.32
N LEU J 6 15.96 13.43 13.49
CA LEU J 6 16.72 14.58 13.02
C LEU J 6 18.06 14.70 13.75
N THR J 7 18.05 14.50 15.08
CA THR J 7 19.28 14.53 15.84
C THR J 7 20.20 13.37 15.45
N ASN J 8 19.62 12.19 15.19
CA ASN J 8 20.42 11.03 14.83
C ASN J 8 21.08 11.21 13.47
N THR J 9 20.36 11.75 12.49
CA THR J 9 20.97 11.95 11.18
C THR J 9 21.79 13.24 11.10
N SER J 10 21.68 14.13 12.08
CA SER J 10 22.66 15.19 12.19
C SER J 10 23.96 14.67 12.81
N ALA J 11 23.83 13.78 13.80
CA ALA J 11 25.01 13.19 14.43
C ALA J 11 25.72 12.24 13.49
N TYR J 12 24.98 11.56 12.62
CA TYR J 12 25.58 10.64 11.67
C TYR J 12 26.45 11.36 10.66
N TYR J 13 26.18 12.64 10.38
CA TYR J 13 27.07 13.45 9.56
C TYR J 13 28.12 14.20 10.37
N MET J 14 27.80 14.58 11.62
CA MET J 14 28.79 15.21 12.48
C MET J 14 29.93 14.26 12.80
N TYR J 15 29.61 13.03 13.21
CA TYR J 15 30.64 12.06 13.52
C TYR J 15 31.35 11.57 12.27
N LEU J 16 30.69 11.60 11.12
CA LEU J 16 31.39 11.27 9.88
C LEU J 16 32.35 12.39 9.48
N LEU J 17 32.00 13.64 9.77
CA LEU J 17 32.94 14.75 9.57
C LEU J 17 34.14 14.63 10.51
N LEU J 18 33.87 14.22 11.76
CA LEU J 18 34.95 13.95 12.69
C LEU J 18 35.82 12.80 12.20
N LEU J 19 35.20 11.79 11.58
CA LEU J 19 35.97 10.70 10.98
C LEU J 19 36.83 11.17 9.83
N LEU J 20 36.31 12.07 8.99
CA LEU J 20 37.13 12.59 7.89
C LEU J 20 38.31 13.42 8.40
N LYS J 21 38.08 14.23 9.43
CA LYS J 21 39.18 14.98 10.05
C LYS J 21 40.18 14.03 10.71
N SER J 22 39.71 12.96 11.33
CA SER J 22 40.63 12.02 11.97
C SER J 22 41.37 11.20 10.92
N VAL J 23 40.76 10.96 9.76
CA VAL J 23 41.44 10.24 8.69
C VAL J 23 42.54 11.10 8.08
N VAL J 24 42.27 12.40 7.89
CA VAL J 24 43.34 13.24 7.34
C VAL J 24 44.41 13.53 8.39
N TYR J 25 44.05 13.53 9.68
CA TYR J 25 45.06 13.62 10.73
C TYR J 25 45.87 12.33 10.82
N PHE J 26 45.22 11.19 10.55
CA PHE J 26 45.94 9.93 10.43
C PHE J 26 46.89 9.94 9.26
N ALA J 27 46.49 10.57 8.16
CA ALA J 27 47.35 10.73 7.01
C ALA J 27 48.58 11.60 7.33
N ILE J 28 48.38 12.72 8.04
CA ILE J 28 49.53 13.57 8.34
C ILE J 28 50.42 12.93 9.42
N ILE J 29 49.85 12.17 10.35
CA ILE J 29 50.70 11.51 11.35
C ILE J 29 51.42 10.32 10.73
N THR J 30 50.83 9.71 9.69
CA THR J 30 51.53 8.64 8.98
C THR J 30 52.65 9.21 8.12
N CYS J 31 52.41 10.39 7.52
CA CYS J 31 53.48 11.06 6.77
C CYS J 31 54.63 11.45 7.68
N CYS J 32 54.33 11.97 8.86
CA CYS J 32 55.40 12.34 9.78
C CYS J 32 56.04 11.12 10.44
N LEU J 33 55.34 9.99 10.52
CA LEU J 33 55.95 8.78 11.04
C LEU J 33 56.86 8.15 10.00
N LEU J 34 56.49 8.24 8.73
CA LEU J 34 57.41 7.85 7.66
C LEU J 34 58.60 8.79 7.59
N ARG J 35 58.37 10.07 7.91
CA ARG J 35 59.49 11.00 8.09
C ARG J 35 60.33 10.62 9.32
N ARG J 36 59.68 10.10 10.36
CA ARG J 36 60.38 9.64 11.55
C ARG J 36 61.20 8.39 11.23
N PHE K 1 -14.88 -22.95 20.73
CA PHE K 1 -14.98 -23.01 19.28
C PHE K 1 -13.83 -22.24 18.65
N LYS K 2 -14.14 -21.32 17.75
CA LYS K 2 -13.15 -20.40 17.19
C LYS K 2 -12.97 -19.22 18.14
N ILE K 3 -12.14 -19.44 19.16
CA ILE K 3 -11.89 -18.48 20.24
C ILE K 3 -11.20 -17.24 19.69
N PRO K 4 -11.79 -16.06 19.85
CA PRO K 4 -11.26 -14.87 19.20
C PRO K 4 -10.30 -14.08 20.06
N ILE K 5 -9.58 -13.18 19.39
CA ILE K 5 -8.61 -12.27 20.02
C ILE K 5 -9.06 -10.85 19.71
N GLU K 6 -9.22 -10.04 20.75
CA GLU K 6 -9.72 -8.67 20.61
C GLU K 6 -8.56 -7.68 20.77
N GLU K 7 -8.40 -6.81 19.79
CA GLU K 7 -7.42 -5.73 19.83
C GLU K 7 -8.19 -4.42 19.99
N LEU K 8 -8.48 -4.07 21.24
CA LEU K 8 -9.23 -2.85 21.56
C LEU K 8 -8.37 -1.96 22.43
N GLU K 9 -8.30 -0.67 22.04
CA GLU K 9 -7.48 0.35 22.71
C GLU K 9 -6.01 -0.06 22.80
N ASP K 10 -5.50 -0.66 21.71
CA ASP K 10 -4.13 -1.17 21.59
C ASP K 10 -3.80 -2.18 22.71
N ARG K 11 -4.77 -3.01 23.05
CA ARG K 11 -4.60 -4.02 24.09
C ARG K 11 -5.26 -5.31 23.65
N VAL K 12 -4.69 -6.44 24.10
CA VAL K 12 -5.15 -7.76 23.72
C VAL K 12 -5.87 -8.38 24.92
N PHE K 13 -7.10 -8.84 24.69
CA PHE K 13 -7.82 -9.58 25.73
C PHE K 13 -8.74 -10.60 25.08
N VAL K 14 -8.73 -11.82 25.61
CA VAL K 14 -9.49 -12.92 25.04
C VAL K 14 -10.91 -12.91 25.60
N ASN K 15 -11.89 -13.10 24.72
CA ASN K 15 -13.29 -13.16 25.13
C ASN K 15 -13.89 -14.50 24.71
N CYS K 16 -14.54 -15.17 25.65
CA CYS K 16 -15.14 -16.49 25.44
C CYS K 16 -16.59 -16.49 25.90
N ASN K 17 -17.22 -17.66 25.79
CA ASN K 17 -18.55 -17.87 26.36
C ASN K 17 -18.49 -18.42 27.79
N THR K 18 -17.29 -18.79 28.26
CA THR K 18 -17.12 -19.37 29.59
C THR K 18 -15.76 -18.96 30.13
N SER K 19 -15.31 -19.66 31.17
CA SER K 19 -14.08 -19.28 31.85
C SER K 19 -12.85 -19.63 31.03
N ILE K 20 -11.85 -18.76 31.07
CA ILE K 20 -10.57 -19.00 30.43
C ILE K 20 -9.67 -19.78 31.39
N THR K 21 -9.08 -20.86 30.91
CA THR K 21 -8.18 -21.70 31.69
C THR K 21 -6.81 -21.67 31.03
N TRP K 22 -5.93 -20.79 31.52
CA TRP K 22 -4.57 -20.69 31.03
C TRP K 22 -3.77 -21.93 31.44
N VAL K 23 -2.88 -22.37 30.54
CA VAL K 23 -2.02 -23.51 30.79
C VAL K 23 -0.54 -23.14 30.66
N GLU K 24 -0.19 -22.34 29.65
CA GLU K 24 1.21 -22.04 29.38
C GLU K 24 1.32 -20.72 28.66
N GLY K 25 2.38 -19.98 28.96
CA GLY K 25 2.72 -18.76 28.24
C GLY K 25 2.48 -17.51 29.08
N THR K 26 2.63 -16.37 28.42
CA THR K 26 2.46 -15.08 29.07
C THR K 26 1.00 -14.84 29.42
N VAL K 27 0.76 -14.32 30.61
CA VAL K 27 -0.59 -14.03 31.07
C VAL K 27 -0.88 -12.54 30.99
N THR K 35 -14.54 -15.26 31.48
CA THR K 35 -15.07 -14.80 30.20
C THR K 35 -14.05 -13.93 29.47
N ARG K 36 -13.67 -12.82 30.11
CA ARG K 36 -12.69 -11.90 29.55
C ARG K 36 -11.43 -11.90 30.42
N LEU K 37 -10.28 -12.13 29.78
CA LEU K 37 -8.99 -12.12 30.46
C LEU K 37 -8.05 -11.16 29.74
N ASP K 38 -7.51 -10.19 30.47
CA ASP K 38 -6.64 -9.20 29.89
C ASP K 38 -5.22 -9.74 29.71
N LEU K 39 -4.53 -9.22 28.70
CA LEU K 39 -3.14 -9.58 28.44
C LEU K 39 -2.26 -8.35 28.32
N GLY K 40 -2.74 -7.18 28.77
CA GLY K 40 -1.96 -5.97 28.61
C GLY K 40 -2.01 -5.47 27.18
N LYS K 41 -1.00 -4.68 26.83
CA LYS K 41 -0.92 -4.10 25.50
C LYS K 41 -0.49 -5.14 24.47
N ARG K 42 -0.69 -4.81 23.20
CA ARG K 42 -0.21 -5.65 22.11
C ARG K 42 1.23 -5.36 21.73
N ILE K 43 1.81 -4.27 22.23
CA ILE K 43 3.19 -3.92 21.88
C ILE K 43 4.20 -4.67 22.74
N LEU K 44 3.76 -5.33 23.80
CA LEU K 44 4.66 -6.14 24.62
C LEU K 44 4.78 -7.57 24.13
N ASP K 45 4.15 -7.89 22.98
CA ASP K 45 4.22 -9.16 22.27
C ASP K 45 3.80 -10.35 23.13
N PRO K 46 2.50 -10.51 23.42
CA PRO K 46 2.08 -11.65 24.24
C PRO K 46 2.07 -12.96 23.45
N ARG K 47 2.34 -14.05 24.17
CA ARG K 47 2.31 -15.40 23.61
C ARG K 47 1.74 -16.33 24.65
N GLY K 48 1.22 -17.46 24.21
CA GLY K 48 0.79 -18.50 25.13
C GLY K 48 -0.45 -19.22 24.66
N ILE K 49 -0.74 -20.34 25.32
CA ILE K 49 -1.89 -21.18 25.01
C ILE K 49 -2.98 -20.91 26.04
N TYR K 50 -4.17 -20.57 25.56
CA TYR K 50 -5.31 -20.22 26.42
C TYR K 50 -6.50 -21.10 26.03
N ARG K 51 -6.80 -22.08 26.88
CA ARG K 51 -7.81 -23.10 26.59
C ARG K 51 -9.10 -22.73 27.32
N CYS K 52 -10.08 -22.22 26.57
CA CYS K 52 -11.39 -21.93 27.14
C CYS K 52 -12.21 -23.21 27.13
N ASN K 53 -12.54 -23.71 28.31
CA ASN K 53 -13.30 -24.96 28.43
C ASN K 53 -14.78 -24.74 28.12
N THR K 64 -9.43 -23.11 22.25
CA THR K 64 -8.00 -23.11 22.58
C THR K 64 -7.20 -22.45 21.47
N VAL K 65 -6.41 -21.44 21.82
CA VAL K 65 -5.63 -20.68 20.85
C VAL K 65 -4.21 -20.51 21.38
N GLN K 66 -3.23 -20.64 20.49
CA GLN K 66 -1.83 -20.35 20.78
C GLN K 66 -1.50 -19.04 20.05
N VAL K 67 -1.67 -17.92 20.76
CA VAL K 67 -1.52 -16.62 20.14
C VAL K 67 -0.04 -16.30 19.94
N HIS K 68 0.26 -15.43 18.98
CA HIS K 68 1.63 -15.03 18.73
C HIS K 68 1.63 -13.62 18.14
N TYR K 69 2.50 -12.76 18.66
CA TYR K 69 2.60 -11.38 18.24
C TYR K 69 4.06 -11.00 18.05
N ARG K 70 4.35 -10.38 16.91
CA ARG K 70 5.66 -9.79 16.66
C ARG K 70 5.47 -8.40 16.04
N MET K 71 4.66 -7.57 16.68
CA MET K 71 4.61 -6.15 16.35
C MET K 71 5.89 -5.54 16.90
N CYS K 72 6.94 -5.56 16.09
CA CYS K 72 8.29 -5.29 16.56
C CYS K 72 8.48 -3.79 16.80
N GLN K 73 8.71 -3.42 18.06
CA GLN K 73 9.01 -2.06 18.45
C GLN K 73 10.46 -1.85 18.85
N SER K 74 11.20 -2.92 19.10
CA SER K 74 12.65 -2.92 19.25
C SER K 74 13.32 -3.33 17.95
N CYS K 75 12.76 -2.87 16.84
CA CYS K 75 12.92 -3.48 15.54
C CYS K 75 13.88 -2.64 14.69
N VAL K 76 14.87 -3.29 14.09
CA VAL K 76 15.91 -2.60 13.33
C VAL K 76 15.88 -3.07 11.87
N GLU K 77 15.91 -2.12 10.94
CA GLU K 77 16.05 -2.45 9.53
C GLU K 77 17.49 -2.26 9.06
N LEU K 78 18.35 -3.20 9.47
CA LEU K 78 19.76 -3.07 9.14
C LEU K 78 20.00 -3.45 7.69
N ASP K 79 20.44 -2.49 6.90
CA ASP K 79 20.82 -2.89 5.56
C ASP K 79 22.22 -3.51 5.56
N PRO K 80 22.50 -4.48 4.69
CA PRO K 80 23.81 -5.13 4.70
C PRO K 80 24.97 -4.20 4.32
N ALA K 81 24.70 -3.16 3.54
CA ALA K 81 25.77 -2.28 3.08
C ALA K 81 26.42 -1.50 4.22
N THR K 82 25.62 -0.84 5.05
CA THR K 82 26.14 -0.04 6.14
C THR K 82 26.68 -0.88 7.29
N VAL K 83 25.99 -1.96 7.66
CA VAL K 83 26.49 -2.80 8.75
C VAL K 83 27.70 -3.61 8.30
N ALA K 84 27.85 -3.83 6.99
CA ALA K 84 29.09 -4.40 6.48
C ALA K 84 30.21 -3.39 6.42
N GLY K 85 29.90 -2.14 6.07
CA GLY K 85 30.92 -1.11 6.01
C GLY K 85 31.49 -0.75 7.36
N ILE K 86 30.62 -0.64 8.37
CA ILE K 86 31.11 -0.31 9.71
C ILE K 86 31.92 -1.46 10.29
N ILE K 87 31.58 -2.70 9.93
CA ILE K 87 32.38 -3.83 10.39
C ILE K 87 33.73 -3.87 9.69
N VAL K 88 33.75 -3.70 8.36
CA VAL K 88 34.99 -3.80 7.59
C VAL K 88 35.89 -2.60 7.84
N THR K 89 35.34 -1.49 8.34
CA THR K 89 36.17 -0.38 8.78
C THR K 89 36.52 -0.42 10.27
N ASP K 90 35.70 -1.03 11.11
CA ASP K 90 36.07 -1.25 12.50
C ASP K 90 37.22 -2.24 12.61
N VAL K 91 37.21 -3.27 11.76
CA VAL K 91 38.28 -4.26 11.77
C VAL K 91 39.60 -3.63 11.34
N ILE K 92 39.57 -2.79 10.30
CA ILE K 92 40.82 -2.14 9.88
C ILE K 92 41.22 -1.05 10.86
N ALA K 93 40.26 -0.44 11.58
CA ALA K 93 40.60 0.51 12.62
C ALA K 93 41.31 -0.17 13.78
N THR K 94 40.81 -1.34 14.20
CA THR K 94 41.46 -2.10 15.25
C THR K 94 42.81 -2.67 14.79
N LEU K 95 42.93 -3.00 13.49
CA LEU K 95 44.21 -3.41 12.94
C LEU K 95 45.24 -2.29 12.99
N LEU K 96 44.84 -1.06 12.64
CA LEU K 96 45.77 0.06 12.74
C LEU K 96 46.04 0.43 14.19
N LEU K 97 45.08 0.19 15.08
CA LEU K 97 45.34 0.37 16.51
C LEU K 97 46.38 -0.63 17.01
N ALA K 98 46.32 -1.87 16.52
CA ALA K 98 47.34 -2.87 16.83
C ALA K 98 48.69 -2.47 16.27
N LEU K 99 48.69 -1.87 15.07
CA LEU K 99 49.92 -1.30 14.52
C LEU K 99 50.45 -0.17 15.40
N GLY K 100 49.55 0.61 16.01
CA GLY K 100 49.97 1.62 16.97
C GLY K 100 50.59 1.04 18.22
N VAL K 101 50.01 -0.04 18.74
CA VAL K 101 50.60 -0.72 19.90
C VAL K 101 51.80 -1.58 19.47
N PHE K 102 51.95 -1.87 18.17
CA PHE K 102 53.13 -2.56 17.70
C PHE K 102 54.37 -1.67 17.81
N CYS K 103 54.17 -0.35 17.84
CA CYS K 103 55.27 0.60 18.02
C CYS K 103 55.50 0.96 19.48
N PHE K 104 54.83 0.28 20.42
CA PHE K 104 55.08 0.53 21.84
C PHE K 104 56.50 0.13 22.23
N ALA K 105 56.96 -1.02 21.74
CA ALA K 105 58.29 -1.54 22.05
C ALA K 105 58.95 -2.10 20.79
N GLY K 106 58.84 -1.37 19.68
CA GLY K 106 59.42 -1.81 18.44
C GLY K 106 59.66 -0.68 17.44
N ILE L 1 -10.55 8.35 -12.72
CA ILE L 1 -11.49 7.59 -13.54
C ILE L 1 -12.00 8.46 -14.68
N LYS L 2 -12.22 9.74 -14.39
CA LYS L 2 -12.74 10.65 -15.39
C LYS L 2 -11.61 11.18 -16.28
N GLY L 3 -11.66 10.84 -17.56
CA GLY L 3 -10.67 11.29 -18.52
C GLY L 3 -9.29 10.72 -18.31
N ASN L 4 -9.15 9.40 -18.46
CA ASN L 4 -7.90 8.64 -18.39
C ASN L 4 -7.16 8.81 -17.07
N HIS L 5 -7.87 9.10 -15.97
CA HIS L 5 -7.23 9.23 -14.66
C HIS L 5 -7.39 7.90 -13.90
N LEU L 6 -6.57 6.93 -14.31
CA LEU L 6 -6.68 5.58 -13.80
C LEU L 6 -5.73 5.34 -12.63
N VAL L 7 -4.53 5.92 -12.68
CA VAL L 7 -3.51 5.65 -11.67
C VAL L 7 -3.86 6.39 -10.39
N LYS L 8 -4.11 5.64 -9.33
CA LYS L 8 -4.42 6.18 -8.01
C LYS L 8 -3.33 5.76 -7.02
N VAL L 9 -3.44 6.23 -5.79
CA VAL L 9 -2.55 5.85 -4.70
C VAL L 9 -3.39 5.51 -3.48
N TYR L 10 -3.15 4.34 -2.89
CA TYR L 10 -3.83 3.94 -1.67
C TYR L 10 -3.42 4.82 -0.49
N ASP L 15 2.72 -0.02 7.00
CA ASP L 15 2.72 -0.04 5.54
C ASP L 15 3.66 1.02 4.98
N GLY L 16 4.97 0.75 5.06
CA GLY L 16 5.94 1.72 4.61
C GLY L 16 5.99 1.87 3.10
N SER L 17 5.65 0.82 2.37
CA SER L 17 5.67 0.88 0.91
C SER L 17 4.45 1.63 0.39
N VAL L 18 4.61 2.21 -0.79
CA VAL L 18 3.55 2.94 -1.47
C VAL L 18 2.77 1.99 -2.36
N LEU L 19 1.45 1.99 -2.23
CA LEU L 19 0.58 1.10 -2.99
C LEU L 19 -0.06 1.90 -4.13
N LEU L 20 0.26 1.51 -5.36
CA LEU L 20 -0.02 2.29 -6.56
C LEU L 20 -0.95 1.48 -7.47
N THR L 21 -2.24 1.76 -7.41
CA THR L 21 -3.23 1.01 -8.17
C THR L 21 -3.45 1.64 -9.54
N CYS L 22 -4.05 0.86 -10.44
CA CYS L 22 -4.47 1.34 -11.74
C CYS L 22 -5.89 0.87 -12.01
N ASP L 23 -6.66 1.68 -12.72
CA ASP L 23 -8.08 1.39 -12.98
C ASP L 23 -8.23 0.89 -14.41
N ALA L 24 -8.02 -0.41 -14.59
CA ALA L 24 -8.13 -1.03 -15.89
C ALA L 24 -8.61 -2.46 -15.72
N GLU L 25 -8.58 -3.24 -16.81
CA GLU L 25 -8.93 -4.64 -16.73
C GLU L 25 -7.86 -5.41 -15.98
N ALA L 26 -8.30 -6.41 -15.20
CA ALA L 26 -7.39 -7.15 -14.33
C ALA L 26 -6.76 -8.35 -15.04
N LYS L 27 -6.16 -8.10 -16.21
CA LYS L 27 -5.45 -9.13 -16.94
C LYS L 27 -3.97 -8.79 -17.09
N ASN L 28 -3.65 -7.63 -17.67
CA ASN L 28 -2.26 -7.22 -17.89
C ASN L 28 -2.19 -5.71 -17.84
N ILE L 29 -1.46 -5.17 -16.87
CA ILE L 29 -1.28 -3.73 -16.71
C ILE L 29 0.20 -3.43 -16.90
N THR L 30 0.52 -2.55 -17.84
CA THR L 30 1.89 -2.15 -18.11
C THR L 30 2.14 -0.79 -17.49
N TRP L 31 3.10 -0.71 -16.58
CA TRP L 31 3.42 0.50 -15.86
C TRP L 31 4.59 1.19 -16.55
N PHE L 32 4.32 2.32 -17.21
CA PHE L 32 5.39 3.12 -17.77
C PHE L 32 5.87 4.13 -16.73
N LYS L 33 7.06 4.69 -16.97
CA LYS L 33 7.62 5.68 -16.07
C LYS L 33 8.66 6.49 -16.84
N ASP L 34 8.67 7.80 -16.60
CA ASP L 34 9.63 8.76 -17.20
C ASP L 34 9.56 8.75 -18.73
N GLY L 35 8.37 8.54 -19.28
CA GLY L 35 8.17 8.55 -20.72
C GLY L 35 8.85 7.42 -21.47
N LYS L 36 8.91 6.23 -20.87
CA LYS L 36 9.50 5.07 -21.51
C LYS L 36 8.93 3.82 -20.86
N MET L 37 9.09 2.69 -21.55
CA MET L 37 8.56 1.42 -21.06
C MET L 37 9.42 0.91 -19.91
N ILE L 38 8.83 0.80 -18.72
CA ILE L 38 9.57 0.39 -17.54
C ILE L 38 9.02 -0.92 -17.00
N GLY L 39 7.72 -1.14 -17.12
CA GLY L 39 7.11 -2.30 -16.50
C GLY L 39 6.01 -2.91 -17.33
N PHE L 40 5.72 -4.18 -17.02
CA PHE L 40 4.60 -4.91 -17.62
C PHE L 40 4.27 -6.04 -16.67
N LEU L 41 3.09 -5.98 -16.04
CA LEU L 41 2.74 -6.89 -14.96
C LEU L 41 1.59 -7.79 -15.37
N THR L 42 1.44 -8.87 -14.61
CA THR L 42 0.41 -9.87 -14.86
C THR L 42 -0.86 -9.53 -14.05
N GLU L 43 -1.80 -10.48 -14.02
CA GLU L 43 -3.07 -10.29 -13.36
C GLU L 43 -2.92 -10.47 -11.84
N ASP L 44 -4.01 -10.13 -11.14
CA ASP L 44 -4.21 -10.29 -9.69
C ASP L 44 -3.25 -9.46 -8.83
N LYS L 45 -2.43 -8.61 -9.45
CA LYS L 45 -1.57 -7.68 -8.72
C LYS L 45 -1.38 -6.45 -9.60
N LYS L 46 -2.23 -5.46 -9.39
CA LYS L 46 -2.16 -4.17 -10.08
C LYS L 46 -1.71 -3.05 -9.15
N LYS L 47 -0.99 -3.42 -8.09
CA LYS L 47 -0.57 -2.49 -7.04
C LYS L 47 0.95 -2.46 -6.99
N TRP L 48 1.57 -2.24 -8.16
CA TRP L 48 3.02 -2.25 -8.35
C TRP L 48 3.74 -1.29 -7.40
N ASN L 49 4.76 -1.81 -6.73
CA ASN L 49 5.49 -1.09 -5.69
C ASN L 49 6.87 -0.72 -6.21
N LEU L 50 7.30 0.51 -5.93
CA LEU L 50 8.66 0.92 -6.24
C LEU L 50 9.57 0.91 -5.01
N GLY L 51 9.01 1.07 -3.81
CA GLY L 51 9.80 1.00 -2.60
C GLY L 51 9.01 1.57 -1.44
N SER L 52 9.70 1.73 -0.32
CA SER L 52 9.12 2.38 0.85
C SER L 52 9.05 3.89 0.63
N ASN L 53 8.19 4.55 1.40
CA ASN L 53 8.06 6.00 1.30
C ASN L 53 9.32 6.71 1.78
N ALA L 54 10.08 6.07 2.68
CA ALA L 54 11.33 6.65 3.15
C ALA L 54 12.39 6.68 2.06
N LYS L 55 12.26 5.85 1.03
CA LYS L 55 13.17 5.85 -0.10
C LYS L 55 12.69 6.74 -1.24
N ASP L 56 11.96 7.82 -0.90
CA ASP L 56 11.36 8.91 -1.69
C ASP L 56 10.96 8.54 -3.13
N PRO L 57 9.94 7.70 -3.30
CA PRO L 57 9.50 7.36 -4.66
C PRO L 57 8.85 8.55 -5.35
N ARG L 58 9.38 8.90 -6.51
CA ARG L 58 8.88 10.05 -7.24
C ARG L 58 9.12 9.84 -8.74
N GLY L 59 8.39 10.61 -9.54
CA GLY L 59 8.43 10.47 -10.99
C GLY L 59 7.06 10.28 -11.57
N MET L 60 6.94 10.39 -12.89
CA MET L 60 5.66 10.22 -13.55
C MET L 60 5.34 8.75 -13.75
N TYR L 61 4.26 8.28 -13.16
CA TYR L 61 3.78 6.92 -13.36
C TYR L 61 2.54 6.95 -14.23
N GLN L 62 2.43 5.97 -15.13
CA GLN L 62 1.23 5.82 -15.95
C GLN L 62 1.04 4.36 -16.30
N CYS L 63 -0.22 3.92 -16.28
CA CYS L 63 -0.59 2.55 -16.57
C CYS L 63 -1.34 2.46 -17.88
N LYS L 64 -1.24 1.29 -18.53
CA LYS L 64 -1.94 1.03 -19.78
C LYS L 64 -2.61 -0.33 -19.66
N GLY L 65 -3.94 -0.35 -19.75
CA GLY L 65 -4.68 -1.59 -19.67
C GLY L 65 -5.47 -1.90 -20.92
N SER L 66 -6.70 -2.38 -20.75
CA SER L 66 -7.57 -2.64 -21.89
C SER L 66 -7.99 -1.34 -22.56
N GLN L 67 -8.22 -0.29 -21.78
CA GLN L 67 -8.55 1.02 -22.31
C GLN L 67 -7.28 1.75 -22.73
N ASN L 68 -7.39 3.05 -22.98
CA ASN L 68 -6.26 3.85 -23.40
C ASN L 68 -5.27 4.06 -22.25
N LYS L 69 -4.09 4.55 -22.61
CA LYS L 69 -3.03 4.77 -21.63
C LYS L 69 -3.43 5.88 -20.66
N SER L 70 -3.24 5.62 -19.36
CA SER L 70 -3.67 6.56 -18.34
C SER L 70 -2.77 7.79 -18.32
N LYS L 71 -3.38 8.93 -17.99
CA LYS L 71 -2.64 10.17 -17.88
C LYS L 71 -1.75 10.13 -16.63
N PRO L 72 -0.55 10.72 -16.70
CA PRO L 72 0.46 10.46 -15.67
C PRO L 72 0.12 11.06 -14.32
N LEU L 73 0.31 10.24 -13.29
CA LEU L 73 0.24 10.66 -11.88
C LEU L 73 1.65 10.76 -11.35
N GLN L 74 2.09 11.97 -11.04
CA GLN L 74 3.45 12.20 -10.55
C GLN L 74 3.43 12.19 -9.03
N VAL L 75 3.95 11.13 -8.45
CA VAL L 75 4.10 11.05 -7.00
C VAL L 75 5.28 11.92 -6.61
N TYR L 76 5.16 12.63 -5.49
CA TYR L 76 6.26 13.44 -4.96
C TYR L 76 6.28 13.23 -3.44
N TYR L 77 7.10 12.28 -2.99
CA TYR L 77 7.32 12.04 -1.58
C TYR L 77 8.59 12.74 -1.12
N ARG L 78 8.47 13.50 -0.05
CA ARG L 78 9.64 14.02 0.67
C ARG L 78 9.59 13.61 2.14
N MET L 79 9.28 12.34 2.38
CA MET L 79 9.59 11.74 3.67
C MET L 79 11.11 11.68 3.72
N CYS L 80 11.73 12.44 4.63
CA CYS L 80 13.15 12.75 4.49
C CYS L 80 14.06 11.57 4.77
N GLN L 81 14.11 11.13 6.04
CA GLN L 81 15.05 10.14 6.59
C GLN L 81 16.53 10.55 6.45
N ASN L 82 16.81 11.73 5.90
CA ASN L 82 18.15 12.26 5.73
C ASN L 82 18.17 13.76 6.00
N CYS L 83 17.07 14.31 6.50
CA CYS L 83 16.94 15.74 6.75
C CYS L 83 17.49 16.05 8.14
N ILE L 84 18.52 16.88 8.19
CA ILE L 84 19.02 17.39 9.47
C ILE L 84 18.26 18.66 9.79
N GLU L 85 18.19 18.99 11.07
CA GLU L 85 17.48 20.18 11.51
C GLU L 85 18.48 21.30 11.72
N LEU L 86 18.18 22.48 11.17
CA LEU L 86 19.06 23.63 11.30
C LEU L 86 18.66 24.53 12.46
N ASN L 87 18.12 23.95 13.53
CA ASN L 87 17.80 24.70 14.74
C ASN L 87 19.09 25.18 15.41
N ALA L 88 18.93 26.12 16.35
CA ALA L 88 20.08 26.77 16.97
C ALA L 88 20.92 25.79 17.78
N ALA L 89 20.27 24.82 18.42
CA ALA L 89 20.99 23.83 19.22
C ALA L 89 21.86 22.94 18.33
N THR L 90 21.32 22.50 17.19
CA THR L 90 22.07 21.59 16.32
C THR L 90 23.23 22.30 15.63
N ILE L 91 23.00 23.50 15.09
CA ILE L 91 24.08 24.23 14.44
C ILE L 91 25.10 24.71 15.46
N SER L 92 24.67 25.00 16.69
CA SER L 92 25.60 25.35 17.75
C SER L 92 26.48 24.16 18.14
N GLY L 93 25.88 22.97 18.23
CA GLY L 93 26.65 21.78 18.50
C GLY L 93 27.61 21.43 17.38
N PHE L 94 27.20 21.63 16.14
CA PHE L 94 28.08 21.38 15.01
C PHE L 94 29.25 22.36 14.97
N LEU L 95 28.98 23.64 15.25
CA LEU L 95 30.06 24.63 15.31
C LEU L 95 31.01 24.34 16.48
N PHE L 96 30.45 23.92 17.62
CA PHE L 96 31.28 23.56 18.76
C PHE L 96 32.16 22.36 18.44
N ALA L 97 31.60 21.33 17.81
CA ALA L 97 32.38 20.15 17.44
C ALA L 97 33.43 20.48 16.40
N GLU L 98 33.09 21.35 15.44
CA GLU L 98 34.06 21.77 14.42
C GLU L 98 35.23 22.51 15.02
N ILE L 99 34.96 23.51 15.87
CA ILE L 99 36.01 24.31 16.46
C ILE L 99 36.87 23.46 17.39
N VAL L 100 36.24 22.61 18.21
CA VAL L 100 36.98 21.77 19.14
C VAL L 100 37.82 20.73 18.40
N SER L 101 37.29 20.14 17.32
CA SER L 101 38.03 19.13 16.58
C SER L 101 39.22 19.74 15.84
N ILE L 102 39.02 20.90 15.21
CA ILE L 102 40.12 21.56 14.51
C ILE L 102 41.16 22.05 15.51
N PHE L 103 40.73 22.52 16.68
CA PHE L 103 41.68 22.94 17.70
C PHE L 103 42.47 21.76 18.27
N VAL L 104 41.82 20.61 18.45
CA VAL L 104 42.51 19.43 18.97
C VAL L 104 43.50 18.90 17.94
N LEU L 105 43.12 18.92 16.66
CA LEU L 105 44.07 18.53 15.62
C LEU L 105 45.21 19.53 15.50
N ALA L 106 44.93 20.81 15.78
CA ALA L 106 45.99 21.82 15.75
C ALA L 106 46.97 21.64 16.89
N VAL L 107 46.47 21.29 18.08
CA VAL L 107 47.33 20.93 19.20
C VAL L 107 48.14 19.68 18.86
N GLY L 108 47.52 18.74 18.13
CA GLY L 108 48.22 17.57 17.68
C GLY L 108 49.34 17.88 16.70
N VAL L 109 49.17 18.94 15.90
CA VAL L 109 50.19 19.31 14.93
C VAL L 109 51.09 20.44 15.45
N TYR L 110 50.67 21.17 16.48
CA TYR L 110 51.58 22.12 17.12
C TYR L 110 52.71 21.40 17.85
N PHE L 111 52.42 20.24 18.44
CA PHE L 111 53.40 19.48 19.21
C PHE L 111 54.14 18.44 18.37
N ILE L 112 54.29 18.63 17.06
CA ILE L 112 54.93 17.63 16.22
C ILE L 112 56.27 18.13 15.67
N ALA L 113 56.56 19.43 15.78
CA ALA L 113 57.76 19.99 15.17
C ALA L 113 59.03 19.50 15.84
N GLY L 114 59.03 19.41 17.17
CA GLY L 114 60.19 18.95 17.91
C GLY L 114 61.32 19.95 17.92
C1 CLR M . 53.69 13.09 25.80
C2 CLR M . 54.93 13.22 26.68
C3 CLR M . 55.95 14.27 26.27
C4 CLR M . 55.29 15.55 25.77
C5 CLR M . 54.19 15.25 24.79
C6 CLR M . 54.31 15.63 23.52
C7 CLR M . 53.21 15.50 22.53
C8 CLR M . 51.87 15.25 23.22
C9 CLR M . 52.01 14.09 24.21
C10 CLR M . 53.06 14.41 25.32
C11 CLR M . 50.65 13.66 24.77
C12 CLR M . 49.50 13.61 23.76
C13 CLR M . 49.40 14.83 22.83
C14 CLR M . 50.80 14.94 22.21
C15 CLR M . 50.65 15.87 21.03
C16 CLR M . 49.22 15.65 20.57
C17 CLR M . 48.50 14.71 21.57
C18 CLR M . 49.01 16.11 23.58
C19 CLR M . 52.40 15.17 26.49
C20 CLR M . 47.01 15.07 21.64
C21 CLR M . 46.18 14.01 22.35
C22 CLR M . 46.39 15.30 20.24
C23 CLR M . 45.99 14.06 19.47
C24 CLR M . 44.92 14.36 18.42
C25 CLR M . 43.99 13.19 18.15
C26 CLR M . 43.01 13.54 17.02
C27 CLR M . 43.23 12.78 19.40
O1 CLR M . 56.74 14.56 27.40
#